data_1C1D
#
_entry.id   1C1D
#
_cell.length_a   64.800
_cell.length_b   110.600
_cell.length_c   113.300
_cell.angle_alpha   90.00
_cell.angle_beta   90.00
_cell.angle_gamma   90.00
#
_symmetry.space_group_name_H-M   'P 21 21 21'
#
loop_
_entity.id
_entity.type
_entity.pdbx_description
1 polymer 'L-PHENYLALANINE DEHYDROGENASE'
2 polymer 'L-PHENYLALANINE DEHYDROGENASE'
3 non-polymer 'POTASSIUM ION'
4 non-polymer PHENYLALANINE
5 non-polymer '1,4-DIHYDRONICOTINAMIDE ADENINE DINUCLEOTIDE'
6 non-polymer 'SODIUM ION'
7 non-polymer 'PHOSPHATE ION'
8 non-polymer 'ISOPROPYL ALCOHOL'
9 water water
#
loop_
_entity_poly.entity_id
_entity_poly.type
_entity_poly.pdbx_seq_one_letter_code
_entity_poly.pdbx_strand_id
1 'polypeptide(L)'
;SIDSALNWDGEMTVTRFDAMTGAHFVIRLDSTQLGPAAGGTRAAQYSNLADALTDAGKLAGAMTLKMAVSNLPMGGGKSV
IALPAPRHSIDPSTWARILRIHAENIDKLSGNYWTGPDVNTNSADMDTLNDTTEFVFGRSLERGGAGSSAFTTAVGVFEA
MKATVAHRGLGSLDGLTVLVQGLGAVGGSLASLAAEAGAQLLVADTDTERVAHAVALGHTAVALEDVLSTPCDVFAPCAM
GGVITTEVARTLDCSVVAGAANNVIADEAASDILHARGILYAPDFVANAGGAIHLVGREVLGWSESVVHERAVAIGDTLN
QVFEISDNDGVTPDEAARTLAGRRAREASTTTATA
;
A
2 'polypeptide(L)'
;SIDSALNWDGEMTVTRFDSMTGAHFVIRLDSTQLGPAAGGTRAAQYSQLADALTDAGKLAGAMTLKMAVSNLPMGGGKSV
IALPAPRHSIDPSTWARILRIHAENIDKLSGNYWTGPDVNTNSADMDTLNDTTEFVFGRSLERGGAGSSAFTTAVGVFEA
MKATVAHRGLGSLDGLTVLVQGLGAVGGSLASLAAEAGAQLLVADTDTERVAHAVALGHTAVALEDVLSTPCDVFAPCAM
GGVITTEVARTLDCSVVAGAANNVIADEAASDILHARGILYAPDFVANAGGAIHLVGREVLGWSESVVHERAVAIGDTLN
QVFEISDNDGVTPDEAARTLAGRRAREASTTTATA
;
B
#
# COMPACT_ATOMS: atom_id res chain seq x y z
N SER A 1 -38.35 -31.79 -17.12
CA SER A 1 -38.56 -33.12 -16.51
C SER A 1 -37.34 -33.47 -15.70
N ILE A 2 -37.50 -34.54 -14.93
CA ILE A 2 -36.34 -34.96 -14.12
C ILE A 2 -35.19 -35.39 -15.02
N ASP A 3 -35.51 -36.13 -16.08
CA ASP A 3 -34.54 -36.59 -17.04
C ASP A 3 -33.72 -35.45 -17.64
N SER A 4 -34.39 -34.36 -18.07
CA SER A 4 -33.65 -33.26 -18.63
C SER A 4 -32.79 -32.60 -17.59
N ALA A 5 -33.32 -32.42 -16.38
CA ALA A 5 -32.55 -31.80 -15.30
C ALA A 5 -31.32 -32.60 -14.95
N LEU A 6 -31.44 -33.92 -15.06
CA LEU A 6 -30.31 -34.85 -14.77
C LEU A 6 -29.30 -34.87 -15.90
N ASN A 7 -29.62 -34.26 -17.04
CA ASN A 7 -28.64 -34.19 -18.10
C ASN A 7 -27.98 -32.84 -17.87
N TRP A 8 -27.07 -32.75 -16.92
CA TRP A 8 -26.34 -31.57 -16.50
C TRP A 8 -24.88 -31.97 -16.49
N ASP A 9 -24.01 -31.06 -16.86
CA ASP A 9 -22.62 -31.39 -16.97
C ASP A 9 -21.74 -31.11 -15.78
N GLY A 10 -22.36 -30.75 -14.64
CA GLY A 10 -21.52 -30.47 -13.50
C GLY A 10 -20.87 -31.71 -12.86
N GLU A 11 -20.05 -31.46 -11.84
CA GLU A 11 -19.30 -32.54 -11.19
C GLU A 11 -20.11 -33.49 -10.33
N MET A 12 -21.16 -32.99 -9.68
CA MET A 12 -21.92 -33.88 -8.83
C MET A 12 -23.19 -33.22 -8.39
N THR A 13 -24.21 -34.07 -8.26
CA THR A 13 -25.50 -33.67 -7.77
C THR A 13 -25.79 -34.53 -6.54
N VAL A 14 -26.16 -33.90 -5.42
CA VAL A 14 -26.54 -34.62 -4.22
C VAL A 14 -28.01 -34.28 -3.97
N THR A 15 -28.85 -35.30 -3.74
CA THR A 15 -30.25 -35.08 -3.46
C THR A 15 -30.70 -35.93 -2.28
N ARG A 16 -31.79 -35.51 -1.66
CA ARG A 16 -32.35 -36.26 -0.56
C ARG A 16 -33.80 -35.86 -0.40
N PHE A 17 -34.65 -36.78 0.06
CA PHE A 17 -36.04 -36.45 0.29
C PHE A 17 -36.34 -36.82 1.75
N ASP A 18 -36.95 -35.94 2.52
CA ASP A 18 -37.29 -36.20 3.92
C ASP A 18 -38.79 -36.27 4.01
N ALA A 19 -39.28 -37.52 4.06
CA ALA A 19 -40.70 -37.77 4.13
C ALA A 19 -41.35 -37.07 5.32
N MET A 20 -40.70 -37.08 6.48
CA MET A 20 -41.32 -36.43 7.61
C MET A 20 -41.66 -34.98 7.42
N THR A 21 -40.75 -34.18 6.87
CA THR A 21 -41.05 -32.77 6.67
C THR A 21 -41.61 -32.51 5.27
N GLY A 22 -41.36 -33.44 4.34
CA GLY A 22 -41.78 -33.33 2.95
C GLY A 22 -40.80 -32.45 2.12
N ALA A 23 -39.67 -32.07 2.72
CA ALA A 23 -38.73 -31.26 2.01
C ALA A 23 -37.81 -32.08 1.10
N HIS A 24 -37.41 -31.48 -0.03
CA HIS A 24 -36.45 -32.07 -0.96
C HIS A 24 -35.18 -31.25 -0.81
N PHE A 25 -34.00 -31.86 -0.95
CA PHE A 25 -32.73 -31.22 -0.80
C PHE A 25 -31.87 -31.44 -2.03
N VAL A 26 -31.20 -30.40 -2.49
CA VAL A 26 -30.32 -30.51 -3.63
C VAL A 26 -29.03 -29.78 -3.33
N ILE A 27 -27.92 -30.43 -3.63
CA ILE A 27 -26.66 -29.75 -3.54
C ILE A 27 -26.02 -30.03 -4.91
N ARG A 28 -25.66 -28.98 -5.67
CA ARG A 28 -25.01 -29.20 -6.95
C ARG A 28 -23.60 -28.61 -6.89
N LEU A 29 -22.61 -29.44 -7.28
CA LEU A 29 -21.24 -28.99 -7.29
C LEU A 29 -20.92 -28.85 -8.79
N ASP A 30 -20.83 -27.59 -9.26
CA ASP A 30 -20.50 -27.40 -10.66
C ASP A 30 -19.03 -27.70 -10.94
N SER A 31 -18.14 -27.20 -10.09
CA SER A 31 -16.73 -27.41 -10.28
C SER A 31 -15.98 -27.32 -8.99
N THR A 32 -14.90 -28.11 -8.88
CA THR A 32 -14.01 -28.09 -7.75
C THR A 32 -12.61 -27.87 -8.27
N GLN A 33 -12.50 -27.34 -9.48
CA GLN A 33 -11.18 -27.13 -10.03
C GLN A 33 -10.31 -26.13 -9.30
N LEU A 34 -10.85 -24.99 -8.88
CA LEU A 34 -10.03 -24.01 -8.20
C LEU A 34 -9.95 -24.25 -6.72
N GLY A 35 -10.80 -25.14 -6.21
CA GLY A 35 -10.78 -25.39 -4.76
C GLY A 35 -12.08 -26.04 -4.45
N PRO A 36 -12.37 -26.27 -3.21
CA PRO A 36 -13.64 -26.88 -2.86
C PRO A 36 -14.78 -25.98 -3.39
N ALA A 37 -15.90 -26.61 -3.73
CA ALA A 37 -17.05 -25.86 -4.23
C ALA A 37 -17.67 -25.06 -3.12
N ALA A 38 -18.09 -23.85 -3.43
CA ALA A 38 -18.70 -23.02 -2.41
C ALA A 38 -19.92 -22.32 -2.96
N GLY A 39 -20.93 -22.16 -2.12
CA GLY A 39 -22.14 -21.50 -2.55
C GLY A 39 -23.19 -21.56 -1.48
N GLY A 40 -24.09 -20.61 -1.53
CA GLY A 40 -25.09 -20.58 -0.48
C GLY A 40 -26.24 -21.53 -0.59
N THR A 41 -27.09 -21.42 0.44
CA THR A 41 -28.28 -22.27 0.53
C THR A 41 -29.51 -21.39 0.30
N ARG A 42 -30.26 -21.74 -0.74
CA ARG A 42 -31.49 -21.04 -1.02
C ARG A 42 -32.61 -21.93 -0.57
N ALA A 43 -33.64 -21.41 0.07
CA ALA A 43 -34.76 -22.22 0.45
C ALA A 43 -36.00 -21.55 -0.15
N ALA A 44 -36.77 -22.27 -0.93
CA ALA A 44 -37.96 -21.70 -1.53
C ALA A 44 -38.90 -22.80 -1.99
N GLN A 45 -40.11 -22.44 -2.38
CA GLN A 45 -41.03 -23.42 -2.90
C GLN A 45 -40.82 -23.50 -4.41
N TYR A 46 -40.86 -24.69 -4.98
CA TYR A 46 -40.65 -24.88 -6.40
C TYR A 46 -41.87 -25.63 -6.90
N SER A 47 -42.25 -25.48 -8.19
CA SER A 47 -43.43 -26.22 -8.65
C SER A 47 -43.17 -27.69 -8.79
N ASN A 48 -41.97 -28.01 -9.27
CA ASN A 48 -41.64 -29.42 -9.43
C ASN A 48 -40.21 -29.54 -8.97
N LEU A 49 -39.83 -30.75 -8.58
CA LEU A 49 -38.49 -30.98 -8.12
C LEU A 49 -37.47 -30.61 -9.21
N ALA A 50 -37.87 -30.88 -10.44
CA ALA A 50 -36.97 -30.61 -11.55
C ALA A 50 -36.54 -29.16 -11.56
N ASP A 51 -37.42 -28.27 -11.15
CA ASP A 51 -37.10 -26.86 -11.15
C ASP A 51 -36.04 -26.55 -10.12
N ALA A 52 -36.11 -27.27 -8.98
CA ALA A 52 -35.12 -27.02 -7.93
C ALA A 52 -33.75 -27.50 -8.42
N LEU A 53 -33.74 -28.65 -9.13
CA LEU A 53 -32.49 -29.13 -9.68
C LEU A 53 -31.92 -28.14 -10.71
N THR A 54 -32.79 -27.66 -11.61
CA THR A 54 -32.29 -26.74 -12.63
C THR A 54 -31.80 -25.47 -12.03
N ASP A 55 -32.53 -24.90 -11.05
CA ASP A 55 -32.05 -23.67 -10.42
C ASP A 55 -30.72 -23.94 -9.73
N ALA A 56 -30.62 -25.05 -9.00
CA ALA A 56 -29.36 -25.33 -8.33
C ALA A 56 -28.18 -25.40 -9.30
N GLY A 57 -28.44 -26.00 -10.47
CA GLY A 57 -27.40 -26.10 -11.45
C GLY A 57 -26.95 -24.75 -12.00
N LYS A 58 -27.94 -23.87 -12.27
CA LYS A 58 -27.55 -22.56 -12.84
C LYS A 58 -26.86 -21.74 -11.80
N LEU A 59 -27.35 -21.85 -10.55
CA LEU A 59 -26.75 -21.08 -9.47
C LEU A 59 -25.30 -21.54 -9.19
N ALA A 60 -25.09 -22.88 -9.21
CA ALA A 60 -23.78 -23.45 -8.98
C ALA A 60 -22.82 -23.00 -10.08
N GLY A 61 -23.27 -23.00 -11.36
CA GLY A 61 -22.39 -22.54 -12.46
C GLY A 61 -21.98 -21.06 -12.31
N ALA A 62 -22.92 -20.25 -11.84
CA ALA A 62 -22.65 -18.88 -11.58
C ALA A 62 -21.60 -18.78 -10.49
N MET A 63 -21.70 -19.61 -9.42
CA MET A 63 -20.68 -19.50 -8.37
C MET A 63 -19.29 -19.84 -8.90
N THR A 64 -19.17 -20.86 -9.79
CA THR A 64 -17.86 -21.21 -10.32
C THR A 64 -17.21 -20.01 -11.02
N LEU A 65 -18.01 -19.31 -11.84
CA LEU A 65 -17.52 -18.14 -12.60
C LEU A 65 -17.25 -16.99 -11.70
N LYS A 66 -18.13 -16.75 -10.71
CA LYS A 66 -17.95 -15.66 -9.75
C LYS A 66 -16.62 -15.81 -9.01
N MET A 67 -16.33 -17.05 -8.55
CA MET A 67 -15.07 -17.28 -7.84
C MET A 67 -13.87 -17.05 -8.74
N ALA A 68 -13.89 -17.64 -9.91
CA ALA A 68 -12.82 -17.50 -10.88
C ALA A 68 -12.52 -16.06 -11.28
N VAL A 69 -13.58 -15.37 -11.68
CA VAL A 69 -13.36 -13.99 -12.12
C VAL A 69 -12.94 -13.06 -11.01
N SER A 70 -13.24 -13.43 -9.76
CA SER A 70 -12.92 -12.59 -8.64
C SER A 70 -11.61 -13.02 -7.97
N ASN A 71 -10.91 -13.95 -8.62
CA ASN A 71 -9.62 -14.44 -8.07
C ASN A 71 -9.74 -15.04 -6.66
N LEU A 72 -10.81 -15.77 -6.45
CA LEU A 72 -11.05 -16.46 -5.17
C LEU A 72 -10.74 -17.93 -5.41
N PRO A 73 -9.94 -18.57 -4.55
CA PRO A 73 -9.53 -19.96 -4.75
C PRO A 73 -10.53 -20.98 -4.30
N MET A 74 -11.73 -20.90 -4.93
CA MET A 74 -12.79 -21.84 -4.61
C MET A 74 -13.52 -22.26 -5.88
N GLY A 75 -14.14 -23.44 -5.79
CA GLY A 75 -14.95 -23.90 -6.88
C GLY A 75 -16.41 -23.36 -6.69
N GLY A 76 -17.35 -23.85 -7.49
CA GLY A 76 -18.69 -23.37 -7.35
C GLY A 76 -19.70 -24.48 -7.08
N GLY A 77 -20.58 -24.17 -6.13
CA GLY A 77 -21.66 -25.08 -5.80
C GLY A 77 -22.83 -24.29 -5.28
N LYS A 78 -23.94 -24.98 -5.03
CA LYS A 78 -25.10 -24.30 -4.49
C LYS A 78 -26.03 -25.33 -3.87
N SER A 79 -26.77 -24.90 -2.84
CA SER A 79 -27.76 -25.79 -2.25
C SER A 79 -29.13 -25.18 -2.43
N VAL A 80 -30.08 -26.03 -2.77
CA VAL A 80 -31.43 -25.61 -2.88
C VAL A 80 -32.29 -26.52 -2.03
N ILE A 81 -33.06 -25.94 -1.10
CA ILE A 81 -34.01 -26.69 -0.27
C ILE A 81 -35.39 -26.38 -0.82
N ALA A 82 -36.06 -27.37 -1.40
CA ALA A 82 -37.39 -27.25 -1.97
C ALA A 82 -38.37 -27.47 -0.82
N LEU A 83 -38.94 -26.37 -0.30
CA LEU A 83 -39.88 -26.36 0.85
C LEU A 83 -41.22 -26.94 0.52
N PRO A 84 -41.80 -27.62 1.54
CA PRO A 84 -43.09 -28.27 1.45
C PRO A 84 -44.26 -27.27 1.54
N ALA A 85 -43.96 -25.98 1.82
CA ALA A 85 -44.90 -24.89 1.98
C ALA A 85 -44.15 -23.58 2.02
N PRO A 86 -44.84 -22.44 2.04
CA PRO A 86 -44.14 -21.15 2.09
C PRO A 86 -43.32 -21.01 3.33
N ARG A 87 -42.15 -20.39 3.19
CA ARG A 87 -41.25 -20.24 4.31
C ARG A 87 -41.92 -19.83 5.61
N HIS A 88 -42.88 -18.89 5.47
CA HIS A 88 -43.74 -18.23 6.47
C HIS A 88 -44.42 -19.17 7.45
N SER A 89 -45.00 -20.15 6.81
CA SER A 89 -45.76 -21.16 7.43
C SER A 89 -44.96 -22.32 7.99
N ILE A 90 -43.63 -22.37 7.73
CA ILE A 90 -42.80 -23.49 8.23
C ILE A 90 -42.55 -23.32 9.74
N ASP A 91 -43.01 -24.23 10.59
CA ASP A 91 -42.78 -24.07 12.03
C ASP A 91 -41.34 -24.24 12.43
N PRO A 92 -40.96 -23.72 13.60
CA PRO A 92 -39.58 -23.82 14.01
C PRO A 92 -39.03 -25.22 14.11
N SER A 93 -39.92 -26.15 14.48
CA SER A 93 -39.49 -27.55 14.62
C SER A 93 -39.12 -28.13 13.25
N THR A 94 -40.00 -27.90 12.29
CA THR A 94 -39.76 -28.36 10.93
C THR A 94 -38.53 -27.70 10.31
N TRP A 95 -38.34 -26.39 10.46
CA TRP A 95 -37.19 -25.72 9.92
C TRP A 95 -35.90 -26.26 10.60
N ALA A 96 -35.96 -26.51 11.94
CA ALA A 96 -34.77 -27.03 12.58
C ALA A 96 -34.40 -28.43 12.04
N ARG A 97 -35.41 -29.22 11.76
CA ARG A 97 -35.17 -30.57 11.24
C ARG A 97 -34.57 -30.45 9.83
N ILE A 98 -35.16 -29.56 9.03
CA ILE A 98 -34.64 -29.38 7.65
C ILE A 98 -33.18 -29.00 7.67
N LEU A 99 -32.79 -28.11 8.57
CA LEU A 99 -31.42 -27.65 8.64
C LEU A 99 -30.46 -28.76 9.10
N ARG A 100 -30.95 -29.54 10.08
CA ARG A 100 -30.10 -30.63 10.57
C ARG A 100 -29.80 -31.61 9.42
N ILE A 101 -30.83 -31.92 8.66
CA ILE A 101 -30.70 -32.82 7.49
C ILE A 101 -29.76 -32.25 6.43
N HIS A 102 -29.91 -30.96 6.10
CA HIS A 102 -29.02 -30.31 5.15
C HIS A 102 -27.61 -30.37 5.66
N ALA A 103 -27.39 -30.12 6.98
CA ALA A 103 -26.05 -30.20 7.52
C ALA A 103 -25.46 -31.61 7.38
N GLU A 104 -26.28 -32.64 7.59
CA GLU A 104 -25.78 -34.01 7.43
C GLU A 104 -25.32 -34.21 5.98
N ASN A 105 -26.10 -33.65 5.04
CA ASN A 105 -25.71 -33.85 3.64
C ASN A 105 -24.39 -33.16 3.32
N ILE A 106 -24.25 -31.93 3.79
CA ILE A 106 -23.03 -31.20 3.54
C ILE A 106 -21.85 -31.96 4.14
N ASP A 107 -22.14 -32.50 5.36
CA ASP A 107 -21.10 -33.22 6.09
C ASP A 107 -20.50 -34.41 5.34
N LYS A 108 -21.36 -35.14 4.66
CA LYS A 108 -20.84 -36.28 3.91
C LYS A 108 -19.86 -35.89 2.81
N LEU A 109 -20.02 -34.66 2.28
CA LEU A 109 -19.12 -34.18 1.23
C LEU A 109 -17.77 -33.79 1.77
N SER A 110 -17.63 -33.85 3.11
CA SER A 110 -16.40 -33.66 3.82
C SER A 110 -15.43 -32.62 3.33
N GLY A 111 -15.91 -31.42 3.17
CA GLY A 111 -15.01 -30.37 2.78
C GLY A 111 -14.96 -30.11 1.28
N ASN A 112 -15.61 -30.93 0.50
CA ASN A 112 -15.62 -30.68 -0.92
C ASN A 112 -16.68 -29.60 -1.25
N TYR A 113 -17.54 -29.26 -0.28
CA TYR A 113 -18.57 -28.24 -0.45
C TYR A 113 -18.68 -27.42 0.83
N TRP A 114 -18.60 -26.07 0.71
CA TRP A 114 -18.76 -25.14 1.82
C TRP A 114 -19.98 -24.30 1.51
N THR A 115 -20.94 -24.19 2.45
CA THR A 115 -22.16 -23.43 2.27
C THR A 115 -22.09 -22.04 2.86
N GLY A 116 -23.20 -21.29 2.67
CA GLY A 116 -23.29 -19.91 3.16
C GLY A 116 -24.76 -19.54 3.01
N PRO A 117 -25.14 -18.34 3.40
CA PRO A 117 -26.56 -17.95 3.28
C PRO A 117 -26.93 -17.56 1.84
N ASP A 118 -28.22 -17.61 1.58
CA ASP A 118 -28.78 -17.21 0.30
C ASP A 118 -30.19 -16.82 0.63
N VAL A 119 -31.03 -16.84 -0.38
CA VAL A 119 -32.40 -16.44 -0.14
C VAL A 119 -33.09 -17.33 0.89
N ASN A 120 -33.69 -16.73 1.92
CA ASN A 120 -34.39 -17.46 2.95
C ASN A 120 -33.51 -18.17 3.98
N THR A 121 -32.20 -17.93 3.95
CA THR A 121 -31.35 -18.48 4.95
C THR A 121 -30.53 -17.33 5.52
N ASN A 122 -30.19 -17.39 6.82
CA ASN A 122 -29.42 -16.34 7.44
C ASN A 122 -28.27 -16.84 8.32
N SER A 123 -27.60 -15.93 9.02
CA SER A 123 -26.48 -16.32 9.85
C SER A 123 -26.93 -17.18 11.03
N ALA A 124 -28.17 -17.01 11.51
CA ALA A 124 -28.61 -17.85 12.61
C ALA A 124 -28.70 -19.26 12.07
N ASP A 125 -29.20 -19.40 10.86
CA ASP A 125 -29.30 -20.68 10.21
C ASP A 125 -27.91 -21.26 9.98
N MET A 126 -26.93 -20.44 9.61
CA MET A 126 -25.58 -20.93 9.42
C MET A 126 -25.05 -21.46 10.77
N ASP A 127 -25.39 -20.76 11.88
CA ASP A 127 -24.90 -21.25 13.18
C ASP A 127 -25.54 -22.61 13.45
N THR A 128 -26.79 -22.79 13.11
CA THR A 128 -27.47 -24.06 13.31
C THR A 128 -26.75 -25.14 12.50
N LEU A 129 -26.47 -24.88 11.21
CA LEU A 129 -25.80 -25.91 10.37
C LEU A 129 -24.50 -26.29 11.04
N ASN A 130 -23.81 -25.28 11.53
CA ASN A 130 -22.53 -25.46 12.14
C ASN A 130 -22.57 -26.26 13.45
N ASP A 131 -23.75 -26.45 13.99
CA ASP A 131 -23.85 -27.28 15.19
C ASP A 131 -23.51 -28.72 14.80
N THR A 132 -23.82 -29.08 13.52
CA THR A 132 -23.60 -30.41 12.91
C THR A 132 -22.45 -30.52 11.93
N THR A 133 -22.07 -29.45 11.19
CA THR A 133 -20.99 -29.62 10.24
C THR A 133 -20.10 -28.41 10.24
N GLU A 134 -18.82 -28.66 10.01
CA GLU A 134 -17.83 -27.63 9.96
C GLU A 134 -17.89 -26.70 8.72
N PHE A 135 -18.33 -27.22 7.58
CA PHE A 135 -18.26 -26.52 6.28
C PHE A 135 -19.30 -25.47 5.94
N VAL A 136 -19.23 -24.39 6.76
CA VAL A 136 -20.17 -23.31 6.65
C VAL A 136 -19.55 -21.96 6.81
N PHE A 137 -19.84 -21.10 5.84
CA PHE A 137 -19.41 -19.72 5.90
C PHE A 137 -20.63 -18.89 6.33
N GLY A 138 -20.38 -17.64 6.79
CA GLY A 138 -21.52 -16.81 7.16
C GLY A 138 -22.09 -16.99 8.55
N ARG A 139 -21.34 -17.72 9.44
CA ARG A 139 -21.88 -17.85 10.78
C ARG A 139 -21.90 -16.45 11.39
N SER A 140 -22.62 -16.31 12.50
CA SER A 140 -22.64 -15.04 13.21
C SER A 140 -21.24 -14.69 13.70
N LEU A 141 -20.95 -13.41 13.98
CA LEU A 141 -19.64 -12.99 14.46
C LEU A 141 -19.21 -13.77 15.73
N GLU A 142 -20.19 -13.92 16.61
CA GLU A 142 -20.02 -14.63 17.88
C GLU A 142 -19.68 -16.10 17.66
N ARG A 143 -20.18 -16.70 16.58
CA ARG A 143 -19.86 -18.11 16.31
C ARG A 143 -18.58 -18.30 15.51
N GLY A 144 -17.88 -17.21 15.20
CA GLY A 144 -16.64 -17.28 14.46
C GLY A 144 -16.74 -16.99 12.96
N GLY A 145 -17.92 -16.62 12.50
CA GLY A 145 -17.93 -16.37 11.06
C GLY A 145 -17.87 -14.89 10.72
N ALA A 146 -18.11 -14.57 9.43
CA ALA A 146 -18.05 -13.19 9.00
C ALA A 146 -19.37 -12.45 9.00
N GLY A 147 -20.46 -13.12 9.40
CA GLY A 147 -21.75 -12.47 9.45
C GLY A 147 -22.26 -12.16 8.05
N SER A 148 -23.23 -11.24 7.99
CA SER A 148 -23.91 -10.85 6.74
C SER A 148 -23.01 -10.36 5.62
N SER A 149 -23.23 -10.92 4.43
CA SER A 149 -22.42 -10.48 3.30
C SER A 149 -23.17 -9.44 2.46
N ALA A 150 -24.43 -9.18 2.79
CA ALA A 150 -25.26 -8.27 2.02
C ALA A 150 -24.67 -6.92 1.69
N PHE A 151 -24.08 -6.29 2.72
CA PHE A 151 -23.55 -4.93 2.51
C PHE A 151 -22.43 -4.88 1.50
N THR A 152 -21.53 -5.83 1.65
CA THR A 152 -20.42 -5.90 0.74
C THR A 152 -20.93 -6.14 -0.67
N THR A 153 -21.99 -6.95 -0.75
CA THR A 153 -22.54 -7.23 -2.08
C THR A 153 -23.02 -5.88 -2.67
N ALA A 154 -23.73 -5.11 -1.86
CA ALA A 154 -24.25 -3.83 -2.34
C ALA A 154 -23.18 -2.92 -2.80
N VAL A 155 -22.09 -2.79 -2.03
CA VAL A 155 -20.97 -1.94 -2.39
C VAL A 155 -20.44 -2.35 -3.75
N GLY A 156 -20.27 -3.64 -3.96
CA GLY A 156 -19.79 -4.15 -5.22
C GLY A 156 -20.77 -3.86 -6.39
N VAL A 157 -22.04 -4.01 -6.17
CA VAL A 157 -22.98 -3.76 -7.24
C VAL A 157 -23.00 -2.28 -7.54
N PHE A 158 -22.95 -1.45 -6.49
CA PHE A 158 -22.94 0.01 -6.69
C PHE A 158 -21.71 0.37 -7.51
N GLU A 159 -20.51 -0.15 -7.22
CA GLU A 159 -19.29 0.14 -7.98
C GLU A 159 -19.42 -0.41 -9.40
N ALA A 160 -20.08 -1.58 -9.54
CA ALA A 160 -20.30 -2.16 -10.85
C ALA A 160 -21.15 -1.18 -11.65
N MET A 161 -22.21 -0.70 -10.99
CA MET A 161 -23.13 0.25 -11.60
C MET A 161 -22.42 1.55 -12.09
N LYS A 162 -21.62 2.13 -11.21
CA LYS A 162 -20.90 3.36 -11.58
C LYS A 162 -19.97 3.10 -12.75
N ALA A 163 -19.25 1.98 -12.76
CA ALA A 163 -18.35 1.71 -13.85
C ALA A 163 -19.13 1.48 -15.13
N THR A 164 -20.31 0.88 -15.02
CA THR A 164 -21.11 0.59 -16.18
C THR A 164 -21.71 1.81 -16.84
N VAL A 165 -22.25 2.66 -15.98
CA VAL A 165 -22.85 3.90 -16.46
C VAL A 165 -21.78 4.74 -17.13
N ALA A 166 -20.59 4.76 -16.51
CA ALA A 166 -19.48 5.54 -17.08
C ALA A 166 -19.07 5.00 -18.47
N HIS A 167 -18.83 3.67 -18.59
CA HIS A 167 -18.45 3.05 -19.86
C HIS A 167 -19.52 3.27 -20.95
N ARG A 168 -20.79 3.31 -20.55
CA ARG A 168 -21.94 3.51 -21.45
C ARG A 168 -22.04 4.99 -21.92
N GLY A 169 -21.27 5.85 -21.28
CA GLY A 169 -21.18 7.27 -21.60
C GLY A 169 -22.22 8.14 -20.95
N LEU A 170 -22.75 7.73 -19.83
CA LEU A 170 -23.76 8.51 -19.20
C LEU A 170 -23.16 9.38 -18.13
N GLY A 171 -21.87 9.30 -17.94
CA GLY A 171 -21.32 10.10 -16.86
C GLY A 171 -21.46 9.42 -15.48
N SER A 172 -21.71 10.25 -14.47
CA SER A 172 -21.82 9.74 -13.14
C SER A 172 -23.26 9.41 -12.84
N LEU A 173 -23.54 8.86 -11.67
CA LEU A 173 -24.91 8.53 -11.37
C LEU A 173 -25.72 9.70 -10.89
N ASP A 174 -25.06 10.82 -10.58
CA ASP A 174 -25.85 11.93 -10.08
C ASP A 174 -26.86 12.35 -11.14
N GLY A 175 -28.12 12.39 -10.75
CA GLY A 175 -29.11 12.78 -11.73
C GLY A 175 -29.75 11.65 -12.54
N LEU A 176 -29.10 10.47 -12.61
CA LEU A 176 -29.65 9.36 -13.36
C LEU A 176 -30.80 8.68 -12.65
N THR A 177 -31.72 8.09 -13.36
CA THR A 177 -32.83 7.35 -12.76
C THR A 177 -32.42 5.86 -12.65
N VAL A 178 -32.52 5.30 -11.44
CA VAL A 178 -32.15 3.93 -11.22
C VAL A 178 -33.36 3.17 -10.70
N LEU A 179 -33.75 2.04 -11.36
CA LEU A 179 -34.89 1.28 -10.91
C LEU A 179 -34.41 0.05 -10.18
N VAL A 180 -34.68 0.01 -8.88
CA VAL A 180 -34.24 -1.10 -8.05
C VAL A 180 -35.41 -2.01 -7.85
N GLN A 181 -35.29 -3.22 -8.38
CA GLN A 181 -36.32 -4.23 -8.25
C GLN A 181 -35.88 -5.13 -7.07
N GLY A 182 -36.54 -5.02 -5.91
CA GLY A 182 -36.12 -5.85 -4.76
C GLY A 182 -35.39 -5.04 -3.74
N LEU A 183 -36.11 -4.72 -2.65
CA LEU A 183 -35.56 -3.90 -1.60
C LEU A 183 -35.19 -4.78 -0.44
N GLY A 184 -34.48 -5.85 -0.72
CA GLY A 184 -34.08 -6.75 0.35
C GLY A 184 -32.80 -6.28 1.03
N ALA A 185 -32.07 -7.24 1.55
CA ALA A 185 -30.83 -6.92 2.24
C ALA A 185 -29.86 -6.21 1.34
N VAL A 186 -29.73 -6.72 0.09
CA VAL A 186 -28.81 -6.08 -0.84
C VAL A 186 -29.45 -4.85 -1.48
N GLY A 187 -30.64 -5.05 -2.02
CA GLY A 187 -31.36 -3.96 -2.70
C GLY A 187 -31.51 -2.70 -1.87
N GLY A 188 -31.90 -2.86 -0.60
CA GLY A 188 -32.07 -1.69 0.28
C GLY A 188 -30.76 -0.97 0.42
N SER A 189 -29.66 -1.69 0.59
CA SER A 189 -28.40 -1.00 0.71
C SER A 189 -28.00 -0.31 -0.59
N LEU A 190 -28.23 -0.98 -1.73
CA LEU A 190 -27.88 -0.43 -3.01
C LEU A 190 -28.66 0.85 -3.26
N ALA A 191 -29.95 0.83 -2.93
CA ALA A 191 -30.80 2.03 -3.11
C ALA A 191 -30.22 3.20 -2.35
N SER A 192 -29.83 3.00 -1.09
CA SER A 192 -29.24 4.07 -0.30
C SER A 192 -27.91 4.53 -0.86
N LEU A 193 -27.06 3.61 -1.30
CA LEU A 193 -25.79 4.05 -1.87
C LEU A 193 -26.01 4.89 -3.16
N ALA A 194 -26.94 4.45 -4.01
CA ALA A 194 -27.19 5.14 -5.25
C ALA A 194 -27.79 6.50 -5.00
N ALA A 195 -28.64 6.53 -4.00
CA ALA A 195 -29.27 7.80 -3.65
C ALA A 195 -28.23 8.84 -3.17
N GLU A 196 -27.30 8.39 -2.32
CA GLU A 196 -26.28 9.29 -1.78
C GLU A 196 -25.42 9.83 -2.92
N ALA A 197 -25.21 9.06 -3.99
CA ALA A 197 -24.46 9.48 -5.15
C ALA A 197 -25.30 10.40 -6.05
N GLY A 198 -26.56 10.71 -5.69
CA GLY A 198 -27.34 11.62 -6.53
C GLY A 198 -28.36 11.02 -7.48
N ALA A 199 -28.50 9.69 -7.50
CA ALA A 199 -29.47 9.09 -8.40
C ALA A 199 -30.90 9.29 -7.93
N GLN A 200 -31.85 9.24 -8.86
CA GLN A 200 -33.26 9.35 -8.53
C GLN A 200 -33.77 7.92 -8.50
N LEU A 201 -34.26 7.46 -7.37
CA LEU A 201 -34.69 6.09 -7.32
C LEU A 201 -36.13 5.75 -7.53
N LEU A 202 -36.31 4.69 -8.37
CA LEU A 202 -37.60 4.11 -8.63
C LEU A 202 -37.48 2.74 -7.93
N VAL A 203 -38.45 2.31 -7.14
CA VAL A 203 -38.30 1.05 -6.43
C VAL A 203 -39.51 0.17 -6.48
N ALA A 204 -39.27 -1.16 -6.30
CA ALA A 204 -40.40 -2.07 -6.32
C ALA A 204 -40.10 -3.23 -5.38
N ASP A 205 -41.15 -3.74 -4.72
CA ASP A 205 -40.93 -4.90 -3.86
C ASP A 205 -42.28 -5.51 -3.57
N THR A 206 -42.32 -6.82 -3.45
CA THR A 206 -43.63 -7.37 -3.14
C THR A 206 -44.03 -6.99 -1.71
N ASP A 207 -43.04 -6.70 -0.89
CA ASP A 207 -43.27 -6.31 0.48
C ASP A 207 -43.58 -4.83 0.54
N THR A 208 -44.85 -4.51 0.77
CA THR A 208 -45.33 -3.14 0.85
C THR A 208 -44.70 -2.23 1.88
N GLU A 209 -44.29 -2.77 3.02
CA GLU A 209 -43.68 -1.98 4.09
C GLU A 209 -42.35 -1.50 3.55
N ARG A 210 -41.62 -2.40 2.91
CA ARG A 210 -40.30 -1.98 2.36
C ARG A 210 -40.47 -0.79 1.39
N VAL A 211 -41.54 -0.84 0.59
CA VAL A 211 -41.80 0.20 -0.36
C VAL A 211 -42.13 1.49 0.32
N ALA A 212 -42.94 1.35 1.37
CA ALA A 212 -43.37 2.53 2.13
C ALA A 212 -42.17 3.20 2.76
N HIS A 213 -41.22 2.39 3.23
CA HIS A 213 -40.02 2.94 3.83
C HIS A 213 -39.25 3.70 2.77
N ALA A 214 -39.03 3.10 1.59
CA ALA A 214 -38.31 3.78 0.54
C ALA A 214 -39.01 5.07 0.15
N VAL A 215 -40.32 5.05 0.07
CA VAL A 215 -41.05 6.25 -0.28
C VAL A 215 -40.82 7.32 0.78
N ALA A 216 -40.76 6.90 2.03
CA ALA A 216 -40.53 7.84 3.15
C ALA A 216 -39.17 8.49 2.96
N LEU A 217 -38.25 7.75 2.36
CA LEU A 217 -36.94 8.27 2.10
C LEU A 217 -36.86 9.10 0.82
N GLY A 218 -37.99 9.33 0.15
CA GLY A 218 -37.96 10.14 -1.06
C GLY A 218 -38.00 9.37 -2.39
N HIS A 219 -37.98 8.05 -2.31
CA HIS A 219 -38.00 7.28 -3.56
C HIS A 219 -39.41 7.17 -4.15
N THR A 220 -39.50 6.75 -5.43
CA THR A 220 -40.80 6.61 -6.08
C THR A 220 -41.15 5.15 -6.32
N ALA A 221 -42.31 4.70 -5.85
CA ALA A 221 -42.71 3.33 -5.99
C ALA A 221 -43.15 3.05 -7.41
N VAL A 222 -42.89 1.83 -7.78
CA VAL A 222 -43.31 1.39 -9.07
C VAL A 222 -44.16 0.14 -8.84
N ALA A 223 -45.31 0.02 -9.50
CA ALA A 223 -46.13 -1.16 -9.36
C ALA A 223 -45.40 -2.37 -9.96
N LEU A 224 -45.55 -3.52 -9.30
CA LEU A 224 -44.92 -4.73 -9.78
C LEU A 224 -45.16 -5.00 -11.26
N GLU A 225 -46.40 -4.74 -11.68
CA GLU A 225 -46.81 -4.96 -13.06
C GLU A 225 -46.11 -4.05 -14.03
N ASP A 226 -45.60 -2.95 -13.51
CA ASP A 226 -44.90 -2.04 -14.42
C ASP A 226 -43.39 -2.03 -14.33
N VAL A 227 -42.79 -2.88 -13.49
CA VAL A 227 -41.34 -2.85 -13.33
C VAL A 227 -40.56 -3.00 -14.63
N LEU A 228 -40.94 -3.96 -15.45
CA LEU A 228 -40.24 -4.21 -16.68
C LEU A 228 -40.62 -3.36 -17.87
N SER A 229 -41.52 -2.42 -17.61
CA SER A 229 -41.99 -1.49 -18.62
C SER A 229 -41.73 -0.05 -18.19
N THR A 230 -40.97 0.13 -17.10
CA THR A 230 -40.67 1.49 -16.66
C THR A 230 -39.38 2.09 -17.18
N PRO A 231 -39.46 3.23 -17.84
CA PRO A 231 -38.24 3.82 -18.34
C PRO A 231 -37.30 4.22 -17.22
N CYS A 232 -36.00 3.99 -17.44
CA CYS A 232 -34.97 4.35 -16.46
C CYS A 232 -33.63 4.39 -17.14
N ASP A 233 -32.60 4.89 -16.48
CA ASP A 233 -31.30 4.90 -17.05
C ASP A 233 -30.66 3.56 -16.73
N VAL A 234 -30.82 3.12 -15.46
CA VAL A 234 -30.24 1.86 -14.98
C VAL A 234 -31.33 0.97 -14.43
N PHE A 235 -31.36 -0.32 -14.86
CA PHE A 235 -32.34 -1.26 -14.30
C PHE A 235 -31.44 -2.12 -13.37
N ALA A 236 -31.79 -2.17 -12.08
CA ALA A 236 -30.98 -2.91 -11.08
C ALA A 236 -31.80 -4.06 -10.47
N PRO A 237 -31.74 -5.25 -11.07
CA PRO A 237 -32.53 -6.39 -10.56
C PRO A 237 -31.85 -6.92 -9.30
N CYS A 238 -32.58 -6.84 -8.17
CA CYS A 238 -32.03 -7.29 -6.87
C CYS A 238 -32.97 -8.27 -6.17
N ALA A 239 -33.81 -8.94 -6.97
CA ALA A 239 -34.75 -9.92 -6.42
C ALA A 239 -34.37 -11.32 -6.93
N MET A 240 -35.27 -11.98 -7.64
CA MET A 240 -34.92 -13.29 -8.16
C MET A 240 -34.31 -13.26 -9.57
N GLY A 241 -33.80 -14.38 -10.04
CA GLY A 241 -33.21 -14.41 -11.36
C GLY A 241 -34.21 -14.69 -12.47
N GLY A 242 -33.70 -14.82 -13.68
CA GLY A 242 -34.57 -15.10 -14.80
C GLY A 242 -35.47 -13.96 -15.22
N VAL A 243 -35.14 -12.76 -14.75
CA VAL A 243 -35.98 -11.61 -15.08
C VAL A 243 -35.94 -11.17 -16.53
N ILE A 244 -34.74 -11.18 -17.05
CA ILE A 244 -34.59 -10.73 -18.45
C ILE A 244 -34.70 -11.90 -19.45
N THR A 245 -35.93 -12.09 -19.89
CA THR A 245 -36.21 -13.12 -20.89
C THR A 245 -35.95 -12.48 -22.27
N THR A 246 -35.99 -13.31 -23.32
CA THR A 246 -35.79 -12.77 -24.65
C THR A 246 -36.83 -11.68 -24.90
N GLU A 247 -38.07 -11.88 -24.51
CA GLU A 247 -39.13 -10.89 -24.71
C GLU A 247 -38.88 -9.59 -24.00
N VAL A 248 -38.46 -9.70 -22.73
CA VAL A 248 -38.20 -8.50 -21.94
C VAL A 248 -36.97 -7.78 -22.49
N ALA A 249 -35.96 -8.52 -22.99
CA ALA A 249 -34.73 -7.88 -23.55
C ALA A 249 -35.06 -7.00 -24.77
N ARG A 250 -36.06 -7.40 -25.55
CA ARG A 250 -36.40 -6.60 -26.72
C ARG A 250 -37.05 -5.27 -26.38
N THR A 251 -37.78 -5.17 -25.26
CA THR A 251 -38.48 -3.94 -24.94
C THR A 251 -37.94 -3.22 -23.72
N LEU A 252 -36.93 -3.75 -23.02
CA LEU A 252 -36.42 -3.02 -21.83
C LEU A 252 -36.00 -1.62 -22.24
N ASP A 253 -36.49 -0.61 -21.53
CA ASP A 253 -36.22 0.77 -21.82
C ASP A 253 -35.21 1.38 -20.82
N CYS A 254 -33.95 1.08 -21.01
CA CYS A 254 -32.91 1.58 -20.17
C CYS A 254 -31.61 1.57 -20.94
N SER A 255 -30.52 2.06 -20.36
CA SER A 255 -29.25 2.05 -21.04
C SER A 255 -28.26 1.08 -20.41
N VAL A 256 -28.49 0.78 -19.12
CA VAL A 256 -27.59 -0.12 -18.40
C VAL A 256 -28.36 -1.09 -17.51
N VAL A 257 -27.83 -2.31 -17.38
CA VAL A 257 -28.46 -3.28 -16.47
C VAL A 257 -27.32 -3.64 -15.51
N ALA A 258 -27.51 -3.39 -14.18
CA ALA A 258 -26.48 -3.70 -13.16
C ALA A 258 -27.20 -3.91 -11.85
N GLY A 259 -27.25 -5.18 -11.40
CA GLY A 259 -27.97 -5.48 -10.17
C GLY A 259 -27.30 -6.60 -9.38
N ALA A 260 -28.00 -7.01 -8.30
CA ALA A 260 -27.42 -8.05 -7.47
C ALA A 260 -27.90 -9.44 -7.77
N ALA A 261 -29.04 -9.57 -8.35
CA ALA A 261 -29.57 -10.91 -8.52
C ALA A 261 -28.69 -11.91 -9.23
N ASN A 262 -28.83 -13.19 -8.78
CA ASN A 262 -28.10 -14.21 -9.51
C ASN A 262 -28.91 -14.63 -10.75
N ASN A 263 -28.20 -15.04 -11.82
CA ASN A 263 -28.79 -15.56 -13.06
C ASN A 263 -29.88 -14.64 -13.63
N VAL A 264 -29.55 -13.34 -13.75
CA VAL A 264 -30.47 -12.32 -14.27
C VAL A 264 -31.06 -12.63 -15.64
N ILE A 265 -30.16 -13.12 -16.50
CA ILE A 265 -30.49 -13.41 -17.90
C ILE A 265 -31.12 -14.77 -18.05
N ALA A 266 -32.36 -14.80 -18.54
CA ALA A 266 -33.03 -16.07 -18.62
C ALA A 266 -32.59 -16.95 -19.72
N ASP A 267 -32.14 -16.37 -20.83
CA ASP A 267 -31.71 -17.12 -22.00
C ASP A 267 -30.65 -16.41 -22.78
N GLU A 268 -29.88 -17.17 -23.53
CA GLU A 268 -28.79 -16.61 -24.29
C GLU A 268 -29.24 -15.56 -25.31
N ALA A 269 -30.37 -15.82 -25.92
CA ALA A 269 -30.80 -14.82 -26.88
C ALA A 269 -30.99 -13.47 -26.20
N ALA A 270 -31.45 -13.48 -24.94
CA ALA A 270 -31.67 -12.24 -24.23
C ALA A 270 -30.38 -11.45 -24.08
N SER A 271 -29.30 -12.16 -23.80
CA SER A 271 -27.97 -11.56 -23.67
C SER A 271 -27.58 -10.95 -25.03
N ASP A 272 -27.75 -11.69 -26.13
CA ASP A 272 -27.43 -11.19 -27.48
C ASP A 272 -28.30 -9.96 -27.83
N ILE A 273 -29.60 -9.97 -27.42
CA ILE A 273 -30.49 -8.86 -27.68
C ILE A 273 -30.07 -7.60 -26.95
N LEU A 274 -29.75 -7.71 -25.64
CA LEU A 274 -29.33 -6.45 -24.97
C LEU A 274 -28.11 -5.84 -25.63
N HIS A 275 -27.17 -6.72 -25.98
CA HIS A 275 -25.93 -6.27 -26.58
C HIS A 275 -26.19 -5.56 -27.90
N ALA A 276 -27.01 -6.18 -28.70
CA ALA A 276 -27.34 -5.61 -30.01
C ALA A 276 -28.08 -4.28 -29.92
N ARG A 277 -28.92 -4.11 -28.89
CA ARG A 277 -29.71 -2.91 -28.67
C ARG A 277 -28.89 -1.84 -27.99
N GLY A 278 -27.62 -2.10 -27.61
CA GLY A 278 -26.87 -1.04 -26.97
C GLY A 278 -27.20 -0.83 -25.47
N ILE A 279 -27.81 -1.84 -24.81
CA ILE A 279 -28.08 -1.75 -23.37
C ILE A 279 -26.86 -2.47 -22.75
N LEU A 280 -26.04 -1.76 -21.98
CA LEU A 280 -24.85 -2.34 -21.42
C LEU A 280 -25.15 -3.14 -20.15
N TYR A 281 -24.97 -4.45 -20.20
CA TYR A 281 -25.26 -5.28 -19.02
C TYR A 281 -23.95 -5.64 -18.29
N ALA A 282 -23.90 -5.39 -16.97
CA ALA A 282 -22.72 -5.74 -16.15
C ALA A 282 -23.03 -7.20 -15.71
N PRO A 283 -22.29 -8.20 -16.17
CA PRO A 283 -22.64 -9.59 -15.84
C PRO A 283 -22.82 -9.85 -14.36
N ASP A 284 -23.94 -10.48 -14.05
CA ASP A 284 -24.31 -10.79 -12.70
C ASP A 284 -23.18 -11.37 -11.84
N PHE A 285 -22.54 -12.38 -12.38
CA PHE A 285 -21.47 -13.10 -11.64
C PHE A 285 -20.27 -12.28 -11.35
N VAL A 286 -20.11 -11.18 -12.09
CA VAL A 286 -19.01 -10.28 -11.84
C VAL A 286 -19.51 -9.24 -10.84
N ALA A 287 -20.64 -8.63 -11.18
CA ALA A 287 -21.20 -7.54 -10.38
C ALA A 287 -21.57 -7.80 -8.94
N ASN A 288 -22.15 -8.99 -8.71
CA ASN A 288 -22.61 -9.32 -7.38
C ASN A 288 -21.61 -10.14 -6.56
N ALA A 289 -20.40 -10.21 -6.99
CA ALA A 289 -19.39 -11.01 -6.32
C ALA A 289 -18.93 -10.50 -4.95
N GLY A 290 -19.40 -9.30 -4.49
CA GLY A 290 -18.94 -8.79 -3.21
C GLY A 290 -19.29 -9.74 -2.07
N GLY A 291 -20.40 -10.47 -2.17
CA GLY A 291 -20.81 -11.39 -1.09
C GLY A 291 -19.72 -12.47 -0.93
N ALA A 292 -19.32 -13.07 -2.03
CA ALA A 292 -18.29 -14.10 -2.03
C ALA A 292 -16.98 -13.50 -1.58
N ILE A 293 -16.65 -12.30 -2.05
CA ILE A 293 -15.39 -11.69 -1.63
C ILE A 293 -15.40 -11.52 -0.08
N HIS A 294 -16.50 -11.13 0.49
CA HIS A 294 -16.56 -10.93 1.90
C HIS A 294 -16.46 -12.27 2.64
N LEU A 295 -17.22 -13.27 2.20
CA LEU A 295 -17.16 -14.54 2.93
C LEU A 295 -15.84 -15.27 2.79
N VAL A 296 -15.38 -15.40 1.56
CA VAL A 296 -14.15 -16.10 1.30
C VAL A 296 -12.93 -15.30 1.77
N GLY A 297 -12.98 -13.99 1.52
CA GLY A 297 -11.90 -13.14 1.93
C GLY A 297 -11.75 -13.21 3.45
N ARG A 298 -12.83 -12.95 4.17
CA ARG A 298 -12.80 -12.92 5.62
C ARG A 298 -12.52 -14.28 6.23
N GLU A 299 -13.29 -15.29 5.82
CA GLU A 299 -13.17 -16.62 6.37
C GLU A 299 -12.11 -17.54 5.86
N VAL A 300 -11.64 -17.35 4.65
CA VAL A 300 -10.61 -18.24 4.13
C VAL A 300 -9.25 -17.59 3.94
N LEU A 301 -9.20 -16.41 3.34
CA LEU A 301 -7.94 -15.75 3.02
C LEU A 301 -7.37 -14.88 4.09
N GLY A 302 -8.13 -14.65 5.15
CA GLY A 302 -7.70 -13.80 6.25
C GLY A 302 -7.62 -12.31 5.98
N TRP A 303 -8.39 -11.80 5.03
CA TRP A 303 -8.33 -10.38 4.74
C TRP A 303 -9.05 -9.54 5.79
N SER A 304 -8.58 -8.29 5.88
CA SER A 304 -9.19 -7.36 6.80
C SER A 304 -10.48 -6.82 6.21
N GLU A 305 -11.29 -6.19 7.04
CA GLU A 305 -12.52 -5.61 6.59
C GLU A 305 -12.21 -4.59 5.50
N SER A 306 -11.11 -3.87 5.68
CA SER A 306 -10.64 -2.83 4.74
C SER A 306 -10.31 -3.39 3.37
N VAL A 307 -9.55 -4.49 3.38
CA VAL A 307 -9.16 -5.16 2.16
C VAL A 307 -10.41 -5.75 1.45
N VAL A 308 -11.38 -6.31 2.20
CA VAL A 308 -12.56 -6.86 1.54
C VAL A 308 -13.24 -5.72 0.78
N HIS A 309 -13.33 -4.57 1.47
CA HIS A 309 -13.96 -3.36 0.90
C HIS A 309 -13.28 -2.98 -0.37
N GLU A 310 -11.96 -2.96 -0.31
CA GLU A 310 -11.15 -2.62 -1.49
C GLU A 310 -11.40 -3.60 -2.66
N ARG A 311 -11.46 -4.92 -2.39
CA ARG A 311 -11.66 -5.91 -3.42
C ARG A 311 -13.07 -5.80 -4.04
N ALA A 312 -14.07 -5.40 -3.20
CA ALA A 312 -15.42 -5.24 -3.67
C ALA A 312 -15.46 -4.03 -4.64
N VAL A 313 -14.75 -2.94 -4.26
CA VAL A 313 -14.73 -1.76 -5.11
C VAL A 313 -14.06 -2.16 -6.41
N ALA A 314 -13.06 -3.03 -6.33
CA ALA A 314 -12.35 -3.47 -7.52
C ALA A 314 -13.22 -4.19 -8.56
N ILE A 315 -14.45 -4.48 -8.19
CA ILE A 315 -15.38 -5.10 -9.13
C ILE A 315 -15.55 -4.12 -10.31
N GLY A 316 -15.40 -2.81 -10.06
CA GLY A 316 -15.54 -1.79 -11.12
C GLY A 316 -14.40 -2.00 -12.13
N ASP A 317 -13.19 -2.22 -11.64
CA ASP A 317 -12.05 -2.46 -12.51
C ASP A 317 -12.23 -3.77 -13.31
N THR A 318 -12.70 -4.86 -12.64
CA THR A 318 -12.91 -6.12 -13.34
C THR A 318 -13.85 -5.91 -14.52
N LEU A 319 -14.92 -5.18 -14.27
CA LEU A 319 -15.90 -4.88 -15.33
C LEU A 319 -15.28 -4.05 -16.45
N ASN A 320 -14.38 -3.12 -16.10
CA ASN A 320 -13.73 -2.34 -17.15
C ASN A 320 -12.99 -3.32 -18.01
N GLN A 321 -12.37 -4.37 -17.41
CA GLN A 321 -11.69 -5.38 -18.23
C GLN A 321 -12.64 -6.17 -19.09
N VAL A 322 -13.83 -6.48 -18.51
CA VAL A 322 -14.79 -7.23 -19.28
C VAL A 322 -15.24 -6.42 -20.52
N PHE A 323 -15.57 -5.14 -20.29
CA PHE A 323 -16.04 -4.26 -21.36
C PHE A 323 -14.97 -4.11 -22.40
N GLU A 324 -13.76 -4.05 -21.94
CA GLU A 324 -12.65 -3.96 -22.86
C GLU A 324 -12.62 -5.15 -23.77
N ILE A 325 -12.79 -6.33 -23.16
CA ILE A 325 -12.83 -7.50 -24.00
C ILE A 325 -14.02 -7.52 -24.97
N SER A 326 -15.18 -7.09 -24.47
CA SER A 326 -16.37 -7.08 -25.28
C SER A 326 -16.22 -6.17 -26.50
N ASP A 327 -15.67 -4.99 -26.28
CA ASP A 327 -15.46 -4.04 -27.37
C ASP A 327 -14.41 -4.48 -28.37
N ASN A 328 -13.30 -4.97 -27.88
CA ASN A 328 -12.31 -5.40 -28.82
C ASN A 328 -12.66 -6.65 -29.58
N ASP A 329 -13.26 -7.65 -28.95
CA ASP A 329 -13.53 -8.89 -29.64
C ASP A 329 -14.87 -9.07 -30.28
N GLY A 330 -15.74 -8.11 -30.06
CA GLY A 330 -17.05 -8.23 -30.62
C GLY A 330 -17.86 -9.34 -30.00
N VAL A 331 -17.90 -9.40 -28.64
CA VAL A 331 -18.70 -10.45 -28.01
C VAL A 331 -19.57 -9.79 -26.93
N THR A 332 -20.60 -10.49 -26.44
CA THR A 332 -21.41 -9.90 -25.37
C THR A 332 -20.59 -9.77 -24.07
N PRO A 333 -21.07 -8.93 -23.17
CA PRO A 333 -20.38 -8.81 -21.89
C PRO A 333 -20.38 -10.17 -21.14
N ASP A 334 -21.42 -10.98 -21.23
CA ASP A 334 -21.40 -12.26 -20.52
C ASP A 334 -20.26 -13.14 -21.03
N GLU A 335 -20.13 -13.20 -22.37
CA GLU A 335 -19.05 -13.97 -22.97
C GLU A 335 -17.68 -13.42 -22.64
N ALA A 336 -17.57 -12.10 -22.63
CA ALA A 336 -16.29 -11.53 -22.28
C ALA A 336 -15.92 -11.81 -20.81
N ALA A 337 -16.90 -11.84 -19.92
CA ALA A 337 -16.64 -12.08 -18.48
C ALA A 337 -16.22 -13.55 -18.34
N ARG A 338 -16.85 -14.46 -19.11
CA ARG A 338 -16.48 -15.89 -19.06
C ARG A 338 -15.02 -15.99 -19.53
N THR A 339 -14.70 -15.21 -20.57
CA THR A 339 -13.31 -15.26 -21.06
C THR A 339 -12.35 -14.81 -19.99
N LEU A 340 -12.66 -13.70 -19.36
CA LEU A 340 -11.84 -13.16 -18.31
C LEU A 340 -11.75 -14.16 -17.15
N ALA A 341 -12.87 -14.76 -16.80
CA ALA A 341 -12.88 -15.75 -15.71
C ALA A 341 -11.88 -16.86 -16.04
N GLY A 342 -11.87 -17.34 -17.28
CA GLY A 342 -10.96 -18.39 -17.74
C GLY A 342 -9.53 -17.91 -17.67
N ARG A 343 -9.27 -16.67 -18.09
CA ARG A 343 -7.91 -16.18 -17.99
C ARG A 343 -7.45 -16.11 -16.55
N ARG A 344 -8.27 -15.53 -15.70
CA ARG A 344 -7.92 -15.42 -14.28
C ARG A 344 -7.68 -16.80 -13.64
N ALA A 345 -8.57 -17.74 -13.92
CA ALA A 345 -8.41 -19.04 -13.34
C ALA A 345 -7.09 -19.63 -13.77
N ARG A 346 -6.79 -19.48 -15.04
CA ARG A 346 -5.54 -20.06 -15.49
C ARG A 346 -4.37 -19.44 -14.82
N GLU A 347 -4.44 -18.15 -14.72
CA GLU A 347 -3.38 -17.44 -14.08
C GLU A 347 -3.19 -17.91 -12.65
N ALA A 348 -4.31 -18.15 -12.03
CA ALA A 348 -4.37 -18.58 -10.66
C ALA A 348 -3.95 -20.01 -10.42
N SER A 349 -3.53 -20.66 -11.49
CA SER A 349 -3.08 -22.04 -11.39
C SER A 349 -1.64 -22.13 -11.87
N SER B 1 31.64 23.37 -9.38
CA SER B 1 32.43 23.75 -10.55
C SER B 1 31.72 23.24 -11.80
N ILE B 2 32.10 23.70 -12.99
CA ILE B 2 31.45 23.18 -14.16
C ILE B 2 31.66 21.69 -14.27
N ASP B 3 32.88 21.20 -14.00
CA ASP B 3 33.08 19.79 -14.15
C ASP B 3 32.23 18.93 -13.21
N SER B 4 32.10 19.37 -11.94
CA SER B 4 31.29 18.62 -10.99
C SER B 4 29.82 18.77 -11.25
N ALA B 5 29.42 19.88 -11.95
CA ALA B 5 28.00 20.10 -12.23
C ALA B 5 27.57 19.36 -13.49
N LEU B 6 28.41 19.39 -14.52
CA LEU B 6 28.06 18.80 -15.78
C LEU B 6 28.77 17.54 -16.18
N ASN B 7 30.03 17.43 -15.80
CA ASN B 7 30.75 16.25 -16.22
C ASN B 7 30.88 15.26 -15.11
N TRP B 8 29.84 15.16 -14.33
CA TRP B 8 29.80 14.21 -13.23
C TRP B 8 29.64 12.80 -13.79
N ASP B 9 30.31 11.82 -13.21
CA ASP B 9 30.26 10.45 -13.68
C ASP B 9 29.24 9.49 -13.09
N GLY B 10 28.26 9.99 -12.33
CA GLY B 10 27.28 9.11 -11.72
C GLY B 10 26.27 8.53 -12.71
N GLU B 11 25.40 7.65 -12.27
CA GLU B 11 24.45 7.02 -13.14
C GLU B 11 23.34 7.87 -13.71
N MET B 12 22.86 8.88 -12.97
CA MET B 12 21.74 9.64 -13.54
C MET B 12 21.54 10.92 -12.75
N THR B 13 21.19 11.96 -13.50
CA THR B 13 20.85 13.27 -12.91
C THR B 13 19.42 13.56 -13.35
N VAL B 14 18.57 13.97 -12.40
CA VAL B 14 17.19 14.31 -12.70
C VAL B 14 17.06 15.77 -12.33
N THR B 15 16.51 16.62 -13.24
CA THR B 15 16.31 18.02 -12.92
C THR B 15 14.89 18.43 -13.33
N ARG B 16 14.41 19.49 -12.66
CA ARG B 16 13.11 20.04 -12.96
C ARG B 16 13.09 21.44 -12.41
N PHE B 17 12.33 22.29 -13.11
CA PHE B 17 12.15 23.69 -12.66
C PHE B 17 10.63 23.97 -12.51
N ASP B 18 10.22 24.57 -11.39
CA ASP B 18 8.82 24.87 -11.23
C ASP B 18 8.72 26.40 -11.18
N SER B 19 8.23 27.00 -12.28
CA SER B 19 8.17 28.46 -12.30
C SER B 19 7.33 29.12 -11.22
N MET B 20 6.22 28.48 -10.92
CA MET B 20 5.34 29.00 -9.89
C MET B 20 6.05 29.23 -8.56
N THR B 21 6.78 28.26 -8.00
CA THR B 21 7.44 28.54 -6.73
C THR B 21 8.85 29.09 -6.92
N GLY B 22 9.39 28.94 -8.12
CA GLY B 22 10.74 29.38 -8.34
C GLY B 22 11.77 28.29 -7.90
N ALA B 23 11.30 27.13 -7.49
CA ALA B 23 12.29 26.14 -7.07
C ALA B 23 12.87 25.27 -8.22
N HIS B 24 14.15 24.89 -8.03
CA HIS B 24 14.86 23.97 -8.92
C HIS B 24 15.01 22.69 -8.09
N PHE B 25 14.85 21.58 -8.79
CA PHE B 25 14.93 20.24 -8.18
C PHE B 25 16.06 19.46 -8.85
N VAL B 26 16.83 18.76 -8.02
CA VAL B 26 17.91 17.92 -8.55
C VAL B 26 17.88 16.59 -7.79
N ILE B 27 17.91 15.51 -8.52
CA ILE B 27 18.07 14.18 -7.92
C ILE B 27 19.30 13.57 -8.61
N ARG B 28 20.34 13.18 -7.86
CA ARG B 28 21.47 12.54 -8.46
C ARG B 28 21.57 11.09 -7.93
N LEU B 29 21.64 10.12 -8.82
CA LEU B 29 21.77 8.71 -8.49
C LEU B 29 23.20 8.37 -8.84
N ASP B 30 24.06 8.29 -7.82
CA ASP B 30 25.48 8.02 -8.09
C ASP B 30 25.68 6.57 -8.53
N SER B 31 25.05 5.66 -7.79
CA SER B 31 25.20 4.25 -8.10
C SER B 31 24.02 3.42 -7.64
N THR B 32 23.63 2.39 -8.44
CA THR B 32 22.59 1.48 -8.05
C THR B 32 23.23 0.09 -8.12
N GLN B 33 24.56 -0.02 -8.02
CA GLN B 33 25.23 -1.34 -8.08
C GLN B 33 24.76 -2.29 -6.97
N LEU B 34 24.74 -1.80 -5.71
CA LEU B 34 24.34 -2.63 -4.54
C LEU B 34 22.86 -2.65 -4.25
N GLY B 35 22.07 -1.88 -4.99
CA GLY B 35 20.64 -1.81 -4.76
C GLY B 35 20.18 -0.40 -5.24
N PRO B 36 18.92 -0.13 -4.99
CA PRO B 36 18.39 1.16 -5.37
C PRO B 36 19.20 2.23 -4.71
N ALA B 37 19.29 3.42 -5.35
CA ALA B 37 20.01 4.52 -4.77
C ALA B 37 19.23 5.08 -3.60
N ALA B 38 19.92 5.45 -2.53
CA ALA B 38 19.17 6.03 -1.42
C ALA B 38 20.00 7.15 -0.88
N GLY B 39 19.27 8.19 -0.42
CA GLY B 39 19.94 9.37 0.14
C GLY B 39 18.91 10.44 0.43
N GLY B 40 19.25 11.32 1.37
CA GLY B 40 18.23 12.31 1.77
C GLY B 40 17.96 13.47 0.81
N THR B 41 16.99 14.26 1.26
CA THR B 41 16.60 15.45 0.52
C THR B 41 17.14 16.68 1.28
N ARG B 42 18.03 17.42 0.70
CA ARG B 42 18.58 18.65 1.27
C ARG B 42 17.86 19.82 0.56
N ALA B 43 17.37 20.78 1.33
CA ALA B 43 16.67 21.95 0.75
C ALA B 43 17.46 23.15 1.24
N ALA B 44 17.98 23.97 0.31
CA ALA B 44 18.76 25.13 0.75
C ALA B 44 18.81 26.12 -0.40
N GLN B 45 19.31 27.29 -0.08
CA GLN B 45 19.45 28.29 -1.14
C GLN B 45 20.83 28.14 -1.72
N TYR B 46 21.00 28.21 -3.05
CA TYR B 46 22.34 28.10 -3.65
C TYR B 46 22.64 29.37 -4.48
N SER B 47 23.89 29.86 -4.55
CA SER B 47 24.20 31.07 -5.36
C SER B 47 23.88 30.81 -6.86
N GLN B 48 24.26 29.65 -7.36
CA GLN B 48 24.07 29.25 -8.71
C GLN B 48 23.60 27.80 -8.79
N LEU B 49 22.88 27.50 -9.89
CA LEU B 49 22.37 26.15 -10.13
C LEU B 49 23.57 25.18 -10.17
N ALA B 50 24.70 25.60 -10.70
CA ALA B 50 25.86 24.73 -10.74
C ALA B 50 26.25 24.28 -9.32
N ASP B 51 26.04 25.13 -8.32
CA ASP B 51 26.44 24.75 -6.99
C ASP B 51 25.47 23.64 -6.47
N ALA B 52 24.19 23.73 -6.84
CA ALA B 52 23.24 22.72 -6.39
C ALA B 52 23.57 21.40 -7.07
N LEU B 53 23.89 21.41 -8.37
CA LEU B 53 24.23 20.20 -9.08
C LEU B 53 25.53 19.61 -8.53
N THR B 54 26.50 20.47 -8.26
CA THR B 54 27.79 20.00 -7.71
C THR B 54 27.57 19.31 -6.36
N ASP B 55 26.80 19.96 -5.50
CA ASP B 55 26.56 19.38 -4.17
C ASP B 55 25.78 18.08 -4.24
N ALA B 56 24.76 18.01 -5.09
CA ALA B 56 23.96 16.80 -5.22
C ALA B 56 24.90 15.65 -5.63
N GLY B 57 25.85 15.88 -6.56
CA GLY B 57 26.71 14.79 -7.00
C GLY B 57 27.68 14.37 -5.87
N LYS B 58 28.26 15.31 -5.13
CA LYS B 58 29.17 14.97 -4.08
C LYS B 58 28.45 14.24 -2.97
N LEU B 59 27.25 14.69 -2.63
CA LEU B 59 26.49 14.05 -1.55
C LEU B 59 26.05 12.67 -1.97
N ALA B 60 25.63 12.50 -3.26
CA ALA B 60 25.23 11.21 -3.75
C ALA B 60 26.43 10.24 -3.72
N GLY B 61 27.61 10.68 -4.19
CA GLY B 61 28.79 9.83 -4.18
C GLY B 61 29.13 9.41 -2.73
N ALA B 62 28.99 10.32 -1.79
CA ALA B 62 29.26 10.00 -0.38
C ALA B 62 28.27 8.93 0.05
N MET B 63 27.01 9.01 -0.37
CA MET B 63 26.04 8.00 0.00
C MET B 63 26.44 6.63 -0.54
N THR B 64 26.91 6.53 -1.78
CA THR B 64 27.29 5.24 -2.32
C THR B 64 28.37 4.64 -1.42
N LEU B 65 29.36 5.41 -1.08
CA LEU B 65 30.50 4.94 -0.27
C LEU B 65 30.03 4.58 1.13
N LYS B 66 29.12 5.37 1.71
CA LYS B 66 28.63 5.09 3.07
C LYS B 66 27.95 3.72 3.07
N MET B 67 27.08 3.47 2.11
CA MET B 67 26.36 2.21 2.06
C MET B 67 27.35 1.07 1.84
N ALA B 68 28.28 1.27 0.91
CA ALA B 68 29.27 0.22 0.62
C ALA B 68 30.10 -0.13 1.84
N VAL B 69 30.67 0.87 2.50
CA VAL B 69 31.53 0.64 3.67
C VAL B 69 30.81 0.16 4.93
N SER B 70 29.52 0.45 5.01
CA SER B 70 28.69 0.09 6.14
C SER B 70 27.94 -1.25 5.99
N ASN B 71 28.25 -1.99 4.88
CA ASN B 71 27.63 -3.28 4.62
C ASN B 71 26.12 -3.24 4.52
N LEU B 72 25.56 -2.16 3.93
CA LEU B 72 24.12 -1.98 3.73
C LEU B 72 23.82 -2.24 2.26
N PRO B 73 22.75 -2.96 1.99
CA PRO B 73 22.42 -3.37 0.61
C PRO B 73 21.70 -2.26 -0.18
N MET B 74 22.36 -1.08 -0.32
CA MET B 74 21.71 -0.06 -1.12
C MET B 74 22.79 0.68 -1.89
N GLY B 75 22.33 1.35 -2.98
CA GLY B 75 23.19 2.23 -3.76
C GLY B 75 23.13 3.65 -3.12
N GLY B 76 23.75 4.63 -3.83
CA GLY B 76 23.75 6.00 -3.27
C GLY B 76 23.14 7.08 -4.20
N GLY B 77 22.37 7.96 -3.56
CA GLY B 77 21.74 9.06 -4.31
C GLY B 77 21.54 10.19 -3.34
N LYS B 78 21.01 11.31 -3.86
CA LYS B 78 20.72 12.48 -3.04
C LYS B 78 19.83 13.41 -3.84
N SER B 79 18.99 14.12 -3.12
CA SER B 79 18.17 15.13 -3.76
C SER B 79 18.57 16.46 -3.13
N VAL B 80 18.59 17.50 -3.99
CA VAL B 80 18.86 18.87 -3.57
C VAL B 80 17.77 19.74 -4.18
N ILE B 81 17.06 20.48 -3.31
CA ILE B 81 16.00 21.40 -3.76
C ILE B 81 16.63 22.79 -3.53
N ALA B 82 16.85 23.52 -4.63
CA ALA B 82 17.47 24.86 -4.65
C ALA B 82 16.34 25.80 -4.49
N LEU B 83 16.27 26.34 -3.30
CA LEU B 83 15.19 27.22 -2.93
C LEU B 83 15.35 28.67 -3.45
N PRO B 84 14.20 29.29 -3.74
CA PRO B 84 14.09 30.65 -4.24
C PRO B 84 14.32 31.68 -3.15
N ALA B 85 14.49 31.25 -1.91
CA ALA B 85 14.70 32.12 -0.75
C ALA B 85 15.07 31.26 0.44
N PRO B 86 15.36 31.83 1.60
CA PRO B 86 15.70 31.09 2.80
C PRO B 86 14.58 30.18 3.22
N ARG B 87 14.96 28.98 3.63
CA ARG B 87 14.00 27.95 4.04
C ARG B 87 12.97 28.47 5.01
N HIS B 88 13.48 29.30 5.93
CA HIS B 88 12.64 29.87 6.97
C HIS B 88 11.69 30.88 6.41
N SER B 89 12.04 31.42 5.24
CA SER B 89 11.19 32.41 4.59
C SER B 89 10.18 31.87 3.59
N ILE B 90 10.18 30.57 3.32
CA ILE B 90 9.24 30.02 2.36
C ILE B 90 7.88 29.81 2.97
N ASP B 91 6.80 30.23 2.34
CA ASP B 91 5.51 30.03 2.97
C ASP B 91 5.01 28.61 2.90
N PRO B 92 4.07 28.25 3.78
CA PRO B 92 3.57 26.90 3.83
C PRO B 92 3.03 26.40 2.54
N SER B 93 2.29 27.21 1.83
CA SER B 93 1.74 26.74 0.59
C SER B 93 2.84 26.45 -0.46
N THR B 94 3.86 27.28 -0.50
CA THR B 94 4.98 27.13 -1.41
C THR B 94 5.72 25.85 -1.06
N TRP B 95 5.97 25.68 0.24
CA TRP B 95 6.66 24.47 0.68
C TRP B 95 5.91 23.20 0.34
N ALA B 96 4.58 23.23 0.57
CA ALA B 96 3.72 22.11 0.25
C ALA B 96 3.81 21.74 -1.24
N ARG B 97 3.83 22.75 -2.11
CA ARG B 97 3.90 22.53 -3.57
C ARG B 97 5.24 21.96 -3.96
N ILE B 98 6.29 22.51 -3.39
CA ILE B 98 7.66 22.04 -3.62
C ILE B 98 7.74 20.54 -3.27
N LEU B 99 7.16 20.16 -2.11
CA LEU B 99 7.21 18.73 -1.73
C LEU B 99 6.43 17.84 -2.66
N ARG B 100 5.23 18.26 -3.07
CA ARG B 100 4.43 17.46 -3.98
C ARG B 100 5.17 17.21 -5.31
N ILE B 101 5.81 18.27 -5.85
CA ILE B 101 6.58 18.16 -7.12
C ILE B 101 7.76 17.23 -6.92
N HIS B 102 8.47 17.41 -5.81
CA HIS B 102 9.62 16.53 -5.55
C HIS B 102 9.13 15.07 -5.50
N ALA B 103 8.00 14.78 -4.82
CA ALA B 103 7.48 13.40 -4.77
C ALA B 103 7.11 12.90 -6.15
N GLU B 104 6.56 13.75 -7.03
CA GLU B 104 6.25 13.24 -8.37
C GLU B 104 7.53 12.85 -9.10
N ASN B 105 8.62 13.59 -8.86
CA ASN B 105 9.91 13.32 -9.47
C ASN B 105 10.47 11.98 -8.98
N ILE B 106 10.43 11.80 -7.66
CA ILE B 106 10.88 10.52 -7.05
C ILE B 106 10.01 9.37 -7.62
N ASP B 107 8.71 9.59 -7.73
CA ASP B 107 7.83 8.55 -8.19
C ASP B 107 8.14 8.05 -9.60
N LYS B 108 8.56 8.96 -10.51
CA LYS B 108 8.86 8.52 -11.86
C LYS B 108 10.03 7.54 -11.92
N LEU B 109 10.90 7.59 -10.88
CA LEU B 109 12.09 6.74 -10.72
C LEU B 109 11.70 5.35 -10.25
N SER B 110 10.42 5.22 -9.89
CA SER B 110 9.80 3.97 -9.50
C SER B 110 10.63 2.99 -8.69
N GLY B 111 11.21 3.46 -7.60
CA GLY B 111 11.92 2.52 -6.78
C GLY B 111 13.40 2.49 -7.03
N ASN B 112 13.89 3.22 -8.07
CA ASN B 112 15.32 3.24 -8.24
C ASN B 112 16.00 4.23 -7.32
N TYR B 113 15.18 5.05 -6.67
CA TYR B 113 15.67 6.03 -5.72
C TYR B 113 14.70 6.07 -4.50
N TRP B 114 15.30 5.98 -3.31
CA TRP B 114 14.61 6.05 -2.04
C TRP B 114 15.13 7.27 -1.31
N THR B 115 14.25 8.21 -0.91
CA THR B 115 14.71 9.41 -0.23
C THR B 115 14.59 9.32 1.29
N GLY B 116 14.94 10.38 1.96
CA GLY B 116 14.88 10.48 3.40
C GLY B 116 15.17 11.93 3.75
N PRO B 117 15.25 12.24 5.01
CA PRO B 117 15.52 13.59 5.43
C PRO B 117 16.96 13.96 5.27
N ASP B 118 17.22 15.28 5.23
CA ASP B 118 18.58 15.83 5.18
C ASP B 118 18.44 17.25 5.70
N VAL B 119 19.38 18.13 5.31
CA VAL B 119 19.29 19.49 5.83
C VAL B 119 18.02 20.17 5.41
N ASN B 120 17.31 20.71 6.39
CA ASN B 120 16.07 21.38 6.12
C ASN B 120 14.87 20.57 5.75
N THR B 121 14.93 19.23 5.92
CA THR B 121 13.77 18.42 5.69
C THR B 121 13.64 17.55 6.94
N ASN B 122 12.40 17.13 7.26
CA ASN B 122 12.22 16.34 8.46
C ASN B 122 11.23 15.25 8.26
N SER B 123 10.87 14.53 9.34
CA SER B 123 9.97 13.39 9.19
C SER B 123 8.61 13.79 8.76
N ALA B 124 8.19 14.99 9.20
CA ALA B 124 6.86 15.41 8.77
C ALA B 124 6.88 15.62 7.24
N ASP B 125 8.04 16.12 6.77
CA ASP B 125 8.20 16.33 5.30
C ASP B 125 8.16 14.99 4.57
N MET B 126 8.78 13.95 5.18
CA MET B 126 8.76 12.62 4.57
C MET B 126 7.33 12.09 4.49
N ASP B 127 6.54 12.36 5.56
CA ASP B 127 5.14 11.92 5.56
C ASP B 127 4.36 12.59 4.40
N THR B 128 4.67 13.89 4.20
CA THR B 128 4.00 14.61 3.12
C THR B 128 4.46 13.98 1.80
N LEU B 129 5.77 13.73 1.62
CA LEU B 129 6.18 13.13 0.35
C LEU B 129 5.47 11.81 0.18
N ASN B 130 5.32 11.05 1.28
CA ASN B 130 4.68 9.76 1.19
C ASN B 130 3.20 9.77 0.87
N ASP B 131 2.58 11.00 0.92
CA ASP B 131 1.18 11.03 0.55
C ASP B 131 1.09 10.86 -0.94
N THR B 132 2.19 11.06 -1.67
CA THR B 132 2.24 10.95 -3.13
C THR B 132 3.16 9.85 -3.64
N THR B 133 4.21 9.47 -2.93
CA THR B 133 5.07 8.40 -3.47
C THR B 133 5.46 7.42 -2.37
N GLU B 134 5.65 6.16 -2.74
CA GLU B 134 6.04 5.17 -1.78
C GLU B 134 7.50 5.24 -1.33
N PHE B 135 8.42 5.74 -2.19
CA PHE B 135 9.86 5.66 -1.97
C PHE B 135 10.53 6.62 -1.03
N VAL B 136 10.09 6.47 0.24
CA VAL B 136 10.53 7.38 1.29
C VAL B 136 10.84 6.69 2.62
N PHE B 137 12.08 6.92 3.10
CA PHE B 137 12.48 6.41 4.38
C PHE B 137 12.35 7.61 5.35
N GLY B 138 12.31 7.33 6.68
CA GLY B 138 12.30 8.42 7.64
C GLY B 138 10.95 9.06 7.87
N ARG B 139 9.92 8.37 7.48
CA ARG B 139 8.57 8.82 7.79
C ARG B 139 8.44 8.74 9.35
N SER B 140 7.48 9.45 9.91
CA SER B 140 7.30 9.39 11.37
C SER B 140 6.93 7.97 11.78
N LEU B 141 7.14 7.65 13.08
CA LEU B 141 6.74 6.32 13.55
C LEU B 141 5.27 6.09 13.29
N GLU B 142 4.41 7.11 13.46
CA GLU B 142 2.97 6.96 13.23
C GLU B 142 2.53 6.60 11.83
N ARG B 143 3.37 7.01 10.88
CA ARG B 143 3.13 6.77 9.46
C ARG B 143 3.83 5.52 8.94
N GLY B 144 4.53 4.80 9.82
CA GLY B 144 5.20 3.61 9.38
C GLY B 144 6.71 3.65 9.18
N GLY B 145 7.37 4.81 9.40
CA GLY B 145 8.79 4.93 9.19
C GLY B 145 9.51 4.71 10.49
N ALA B 146 10.82 4.91 10.44
CA ALA B 146 11.67 4.71 11.61
C ALA B 146 11.85 6.00 12.40
N GLY B 147 11.31 7.13 11.91
CA GLY B 147 11.44 8.40 12.63
C GLY B 147 12.85 8.95 12.48
N SER B 148 13.24 9.77 13.46
CA SER B 148 14.54 10.40 13.51
C SER B 148 15.73 9.44 13.60
N SER B 149 16.69 9.77 12.80
CA SER B 149 17.89 8.99 12.76
C SER B 149 19.06 9.77 13.37
N ALA B 150 18.81 11.02 13.80
CA ALA B 150 19.91 11.82 14.32
C ALA B 150 20.69 11.27 15.52
N PHE B 151 19.98 10.75 16.51
CA PHE B 151 20.62 10.20 17.68
C PHE B 151 21.55 9.05 17.23
N THR B 152 21.08 8.17 16.37
CA THR B 152 21.94 7.08 15.89
C THR B 152 23.21 7.60 15.20
N THR B 153 23.06 8.69 14.40
CA THR B 153 24.20 9.30 13.74
C THR B 153 25.15 9.81 14.83
N ALA B 154 24.61 10.46 15.86
CA ALA B 154 25.45 10.95 16.97
C ALA B 154 26.27 9.82 17.66
N VAL B 155 25.58 8.70 17.94
CA VAL B 155 26.24 7.57 18.57
C VAL B 155 27.37 7.10 17.67
N GLY B 156 27.11 6.99 16.34
CA GLY B 156 28.14 6.49 15.43
C GLY B 156 29.33 7.46 15.38
N VAL B 157 29.06 8.76 15.34
CA VAL B 157 30.13 9.71 15.33
C VAL B 157 30.92 9.65 16.60
N PHE B 158 30.23 9.50 17.73
CA PHE B 158 30.89 9.43 19.04
C PHE B 158 31.80 8.22 19.09
N GLU B 159 31.32 7.08 18.60
CA GLU B 159 32.19 5.91 18.59
C GLU B 159 33.35 6.10 17.63
N ALA B 160 33.09 6.76 16.46
CA ALA B 160 34.15 7.02 15.53
C ALA B 160 35.20 7.90 16.23
N MET B 161 34.74 8.92 16.97
CA MET B 161 35.69 9.78 17.63
C MET B 161 36.53 8.97 18.67
N LYS B 162 35.85 8.09 19.43
CA LYS B 162 36.58 7.27 20.41
C LYS B 162 37.65 6.44 19.74
N ALA B 163 37.27 5.78 18.64
CA ALA B 163 38.24 4.93 17.93
C ALA B 163 39.43 5.74 17.40
N THR B 164 39.12 6.97 16.90
CA THR B 164 40.17 7.82 16.32
C THR B 164 41.13 8.35 17.36
N VAL B 165 40.58 8.83 18.46
CA VAL B 165 41.42 9.32 19.56
C VAL B 165 42.34 8.18 20.05
N ALA B 166 41.79 6.99 20.17
CA ALA B 166 42.64 5.87 20.62
C ALA B 166 43.74 5.54 19.60
N HIS B 167 43.36 5.51 18.32
CA HIS B 167 44.36 5.18 17.34
C HIS B 167 45.44 6.26 17.26
N ARG B 168 45.04 7.52 17.52
CA ARG B 168 45.96 8.63 17.46
C ARG B 168 46.91 8.61 18.65
N GLY B 169 46.67 7.75 19.68
CA GLY B 169 47.60 7.69 20.83
C GLY B 169 47.18 8.54 22.00
N LEU B 170 45.97 9.09 21.95
CA LEU B 170 45.51 9.98 23.02
C LEU B 170 44.77 9.24 24.14
N GLY B 171 44.62 7.90 24.01
CA GLY B 171 43.93 7.22 25.06
C GLY B 171 42.43 7.38 24.89
N SER B 172 41.78 7.97 25.88
CA SER B 172 40.35 8.12 25.80
C SER B 172 39.94 9.59 25.72
N LEU B 173 38.63 9.85 25.56
CA LEU B 173 38.13 11.22 25.51
C LEU B 173 38.27 11.92 26.84
N ASP B 174 38.51 11.13 27.92
CA ASP B 174 38.60 11.75 29.23
C ASP B 174 39.77 12.74 29.25
N GLY B 175 39.45 14.00 29.59
CA GLY B 175 40.45 15.04 29.67
C GLY B 175 40.88 15.63 28.33
N LEU B 176 40.09 15.38 27.27
CA LEU B 176 40.48 15.95 25.99
C LEU B 176 39.57 17.15 25.77
N THR B 177 40.01 18.07 24.93
CA THR B 177 39.19 19.22 24.59
C THR B 177 38.63 18.88 23.19
N VAL B 178 37.29 18.91 23.06
CA VAL B 178 36.59 18.63 21.83
C VAL B 178 35.85 19.90 21.41
N LEU B 179 36.11 20.35 20.15
CA LEU B 179 35.41 21.56 19.64
C LEU B 179 34.32 21.08 18.68
N VAL B 180 33.02 21.30 19.02
CA VAL B 180 31.89 20.88 18.21
C VAL B 180 31.39 22.10 17.43
N GLN B 181 31.50 22.00 16.13
CA GLN B 181 31.06 23.08 15.23
C GLN B 181 29.67 22.67 14.74
N GLY B 182 28.66 23.34 15.35
CA GLY B 182 27.27 22.99 14.97
C GLY B 182 26.59 22.18 16.10
N LEU B 183 25.72 22.85 16.85
CA LEU B 183 24.97 22.31 17.95
C LEU B 183 23.55 21.88 17.52
N GLY B 184 23.41 21.29 16.31
CA GLY B 184 22.15 20.82 15.77
C GLY B 184 21.68 19.49 16.35
N ALA B 185 20.83 18.84 15.59
CA ALA B 185 20.29 17.55 16.02
C ALA B 185 21.43 16.59 16.35
N VAL B 186 22.40 16.48 15.44
CA VAL B 186 23.55 15.58 15.70
C VAL B 186 24.53 16.16 16.69
N GLY B 187 25.01 17.39 16.43
CA GLY B 187 25.97 18.08 17.29
C GLY B 187 25.64 18.20 18.75
N GLY B 188 24.41 18.59 19.09
CA GLY B 188 24.01 18.73 20.48
C GLY B 188 24.14 17.34 21.14
N SER B 189 23.69 16.28 20.46
CA SER B 189 23.79 14.92 21.04
C SER B 189 25.24 14.47 21.22
N LEU B 190 26.07 14.76 20.20
CA LEU B 190 27.45 14.39 20.27
C LEU B 190 28.12 15.08 21.42
N ALA B 191 27.80 16.35 21.62
CA ALA B 191 28.43 17.05 22.67
C ALA B 191 28.08 16.42 23.99
N SER B 192 26.83 16.05 24.16
CA SER B 192 26.38 15.46 25.45
C SER B 192 27.12 14.15 25.73
N LEU B 193 27.25 13.31 24.69
CA LEU B 193 27.99 12.05 24.84
C LEU B 193 29.44 12.28 25.17
N ALA B 194 30.08 13.23 24.47
CA ALA B 194 31.49 13.48 24.69
C ALA B 194 31.74 14.03 26.09
N ALA B 195 30.81 14.85 26.54
CA ALA B 195 31.02 15.43 27.85
C ALA B 195 30.89 14.39 28.93
N GLU B 196 29.92 13.53 28.72
CA GLU B 196 29.69 12.45 29.66
C GLU B 196 30.95 11.56 29.76
N ALA B 197 31.70 11.39 28.64
CA ALA B 197 32.92 10.59 28.58
C ALA B 197 34.10 11.33 29.22
N GLY B 198 33.86 12.56 29.72
CA GLY B 198 34.90 13.34 30.38
C GLY B 198 35.62 14.38 29.53
N ALA B 199 35.15 14.65 28.33
CA ALA B 199 35.82 15.65 27.53
C ALA B 199 35.35 17.05 27.91
N GLN B 200 36.16 18.08 27.66
CA GLN B 200 35.79 19.49 27.92
C GLN B 200 35.34 19.98 26.56
N LEU B 201 34.16 20.57 26.51
CA LEU B 201 33.63 20.97 25.24
C LEU B 201 33.74 22.45 24.92
N LEU B 202 34.16 22.71 23.67
CA LEU B 202 34.27 24.05 23.07
C LEU B 202 33.13 23.96 22.05
N VAL B 203 32.24 24.98 21.98
CA VAL B 203 31.13 24.86 21.06
C VAL B 203 30.91 26.15 20.29
N ALA B 204 30.39 25.95 19.11
CA ALA B 204 30.10 27.07 18.18
C ALA B 204 28.85 26.77 17.36
N ASP B 205 28.08 27.85 17.10
CA ASP B 205 26.88 27.78 16.32
C ASP B 205 26.47 29.20 15.92
N THR B 206 25.81 29.32 14.81
CA THR B 206 25.37 30.65 14.41
C THR B 206 24.16 31.09 15.25
N ASP B 207 23.44 30.10 15.81
CA ASP B 207 22.27 30.28 16.67
C ASP B 207 22.70 30.66 18.09
N THR B 208 22.56 31.92 18.40
CA THR B 208 22.93 32.46 19.69
C THR B 208 22.37 31.73 20.91
N GLU B 209 21.11 31.34 20.82
CA GLU B 209 20.45 30.64 21.91
C GLU B 209 21.09 29.28 22.21
N ARG B 210 21.37 28.48 21.15
CA ARG B 210 22.01 27.15 21.24
C ARG B 210 23.33 27.25 22.01
N VAL B 211 24.11 28.24 21.63
CA VAL B 211 25.36 28.44 22.30
C VAL B 211 25.10 28.74 23.77
N ALA B 212 24.28 29.77 24.11
CA ALA B 212 23.99 30.14 25.50
C ALA B 212 23.56 28.94 26.36
N HIS B 213 22.73 28.07 25.76
CA HIS B 213 22.24 26.87 26.41
C HIS B 213 23.44 25.96 26.72
N ALA B 214 24.30 25.66 25.72
CA ALA B 214 25.50 24.81 25.90
C ALA B 214 26.33 25.43 26.99
N VAL B 215 26.39 26.75 26.91
CA VAL B 215 27.12 27.48 27.90
C VAL B 215 26.50 27.24 29.27
N ALA B 216 25.17 27.15 29.28
CA ALA B 216 24.51 26.91 30.55
C ALA B 216 24.80 25.51 31.05
N LEU B 217 24.96 24.55 30.12
CA LEU B 217 25.22 23.15 30.35
C LEU B 217 26.69 23.01 30.73
N GLY B 218 27.36 24.12 30.91
CA GLY B 218 28.75 24.07 31.33
C GLY B 218 29.85 24.17 30.29
N HIS B 219 29.48 24.16 29.01
CA HIS B 219 30.48 24.27 27.96
C HIS B 219 31.07 25.65 27.74
N THR B 220 31.96 25.76 26.76
CA THR B 220 32.60 27.03 26.46
C THR B 220 32.37 27.43 25.02
N ALA B 221 31.87 28.65 24.83
CA ALA B 221 31.60 29.11 23.49
C ALA B 221 32.84 29.58 22.75
N VAL B 222 32.83 29.44 21.43
CA VAL B 222 33.94 29.90 20.60
C VAL B 222 33.31 30.82 19.56
N ALA B 223 33.87 31.99 19.30
CA ALA B 223 33.24 32.84 18.29
C ALA B 223 33.51 32.22 16.93
N LEU B 224 32.54 32.41 16.06
CA LEU B 224 32.62 31.87 14.72
C LEU B 224 33.91 32.19 14.01
N GLU B 225 34.37 33.40 14.19
CA GLU B 225 35.59 33.69 13.50
C GLU B 225 36.80 33.00 14.09
N ASP B 226 36.67 32.39 15.26
CA ASP B 226 37.83 31.73 15.85
C ASP B 226 37.81 30.21 15.74
N VAL B 227 36.71 29.69 15.27
CA VAL B 227 36.55 28.27 15.16
C VAL B 227 37.66 27.49 14.55
N LEU B 228 38.10 27.91 13.39
CA LEU B 228 39.12 27.20 12.68
C LEU B 228 40.55 27.36 13.15
N SER B 229 40.82 28.16 14.15
CA SER B 229 42.19 28.26 14.59
C SER B 229 42.23 28.07 16.11
N THR B 230 41.12 27.60 16.69
CA THR B 230 41.05 27.38 18.13
C THR B 230 41.71 26.05 18.55
N PRO B 231 42.69 26.08 19.43
CA PRO B 231 43.35 24.83 19.81
C PRO B 231 42.39 23.86 20.46
N CYS B 232 42.48 22.61 20.03
CA CYS B 232 41.65 21.59 20.64
C CYS B 232 42.32 20.25 20.38
N ASP B 233 41.90 19.18 21.07
CA ASP B 233 42.46 17.88 20.75
C ASP B 233 41.67 17.29 19.56
N VAL B 234 40.32 17.46 19.56
CA VAL B 234 39.50 16.94 18.51
C VAL B 234 38.64 18.08 17.96
N PHE B 235 38.57 18.13 16.63
CA PHE B 235 37.71 19.11 15.90
C PHE B 235 36.60 18.26 15.32
N ALA B 236 35.35 18.59 15.71
CA ALA B 236 34.16 17.81 15.29
C ALA B 236 33.20 18.64 14.45
N PRO B 237 33.40 18.61 13.14
CA PRO B 237 32.54 19.42 12.23
C PRO B 237 31.14 18.79 12.10
N CYS B 238 30.17 19.53 12.63
CA CYS B 238 28.83 18.99 12.58
C CYS B 238 27.87 19.97 11.97
N ALA B 239 28.37 20.86 11.16
CA ALA B 239 27.51 21.88 10.50
C ALA B 239 27.55 21.64 9.01
N MET B 240 28.11 22.58 8.25
CA MET B 240 28.12 22.23 6.83
C MET B 240 29.37 21.54 6.31
N GLY B 241 29.32 21.12 5.07
CA GLY B 241 30.45 20.45 4.48
C GLY B 241 31.43 21.45 3.88
N GLY B 242 32.46 20.93 3.27
CA GLY B 242 33.45 21.80 2.64
C GLY B 242 34.30 22.66 3.57
N VAL B 243 34.28 22.30 4.88
CA VAL B 243 35.02 23.02 5.90
C VAL B 243 36.52 22.99 5.76
N ILE B 244 37.01 21.82 5.41
CA ILE B 244 38.45 21.64 5.31
C ILE B 244 39.03 21.78 3.92
N THR B 245 39.33 23.08 3.64
CA THR B 245 40.00 23.42 2.42
C THR B 245 41.50 23.26 2.74
N THR B 246 42.34 23.39 1.72
CA THR B 246 43.78 23.31 1.84
C THR B 246 44.27 24.26 2.91
N GLU B 247 43.79 25.52 2.88
CA GLU B 247 44.24 26.50 3.85
C GLU B 247 43.86 26.16 5.27
N VAL B 248 42.62 25.70 5.41
CA VAL B 248 42.14 25.30 6.75
C VAL B 248 43.01 24.12 7.26
N ALA B 249 43.28 23.16 6.36
CA ALA B 249 44.09 21.98 6.73
C ALA B 249 45.45 22.40 7.22
N ARG B 250 45.98 23.49 6.65
CA ARG B 250 47.27 23.95 7.06
C ARG B 250 47.31 24.63 8.40
N THR B 251 46.18 25.12 8.85
CA THR B 251 46.17 25.87 10.08
C THR B 251 45.36 25.33 11.25
N LEU B 252 44.64 24.24 11.02
CA LEU B 252 43.85 23.65 12.12
C LEU B 252 44.84 23.27 13.23
N ASP B 253 44.48 23.55 14.46
CA ASP B 253 45.37 23.27 15.61
C ASP B 253 44.72 22.20 16.48
N CYS B 254 44.80 20.95 16.03
CA CYS B 254 44.18 19.84 16.73
C CYS B 254 44.95 18.59 16.33
N SER B 255 44.53 17.43 16.90
CA SER B 255 45.24 16.21 16.49
C SER B 255 44.29 15.18 15.85
N VAL B 256 42.97 15.39 15.97
CA VAL B 256 41.99 14.51 15.40
C VAL B 256 40.86 15.33 14.80
N VAL B 257 40.30 14.81 13.70
CA VAL B 257 39.10 15.45 13.05
C VAL B 257 38.08 14.31 12.99
N ALA B 258 36.92 14.49 13.65
CA ALA B 258 35.91 13.42 13.59
C ALA B 258 34.59 14.11 13.87
N GLY B 259 33.72 14.14 12.84
CA GLY B 259 32.45 14.83 13.03
C GLY B 259 31.33 14.24 12.20
N ALA B 260 30.20 14.96 12.19
CA ALA B 260 29.07 14.41 11.45
C ALA B 260 28.88 14.90 10.02
N ALA B 261 29.43 16.13 9.76
CA ALA B 261 29.21 16.70 8.42
C ALA B 261 29.55 15.85 7.26
N ASN B 262 28.74 15.98 6.19
CA ASN B 262 29.02 15.27 4.96
C ASN B 262 30.02 16.09 4.13
N ASN B 263 30.86 15.43 3.34
CA ASN B 263 31.85 16.03 2.47
C ASN B 263 32.69 17.09 3.18
N VAL B 264 33.27 16.76 4.32
CA VAL B 264 34.07 17.67 5.10
C VAL B 264 35.32 18.21 4.41
N ILE B 265 36.02 17.38 3.65
CA ILE B 265 37.28 17.67 2.94
C ILE B 265 36.94 18.34 1.62
N ALA B 266 37.41 19.57 1.49
CA ALA B 266 37.09 20.36 0.29
C ALA B 266 37.83 20.01 -0.97
N ASP B 267 39.08 19.60 -0.83
CA ASP B 267 39.90 19.25 -1.98
C ASP B 267 40.74 18.02 -1.61
N GLU B 268 41.18 17.18 -2.60
CA GLU B 268 42.01 16.02 -2.26
C GLU B 268 43.15 16.57 -1.44
N ALA B 269 44.00 17.49 -1.98
CA ALA B 269 45.12 18.15 -1.30
C ALA B 269 44.98 18.35 0.21
N ALA B 270 43.80 18.75 0.67
CA ALA B 270 43.57 18.97 2.13
C ALA B 270 43.78 17.68 2.95
N SER B 271 43.31 16.57 2.39
CA SER B 271 43.48 15.26 3.00
C SER B 271 44.96 14.96 3.21
N ASP B 272 45.79 15.22 2.17
CA ASP B 272 47.23 14.98 2.37
C ASP B 272 47.87 15.87 3.41
N ILE B 273 47.41 17.13 3.48
CA ILE B 273 47.95 18.06 4.44
C ILE B 273 47.64 17.59 5.86
N LEU B 274 46.39 17.27 6.15
CA LEU B 274 46.04 16.78 7.51
C LEU B 274 46.99 15.61 7.88
N HIS B 275 47.09 14.66 6.98
CA HIS B 275 47.94 13.47 7.18
C HIS B 275 49.35 13.88 7.46
N ALA B 276 49.89 14.82 6.68
CA ALA B 276 51.25 15.26 6.89
C ALA B 276 51.48 16.01 8.17
N ARG B 277 50.44 16.67 8.66
CA ARG B 277 50.57 17.44 9.87
C ARG B 277 50.25 16.60 11.13
N GLY B 278 50.08 15.32 10.93
CA GLY B 278 49.79 14.48 12.08
C GLY B 278 48.39 14.63 12.64
N ILE B 279 47.43 15.10 11.82
CA ILE B 279 46.06 15.23 12.29
C ILE B 279 45.29 14.02 11.76
N LEU B 280 44.77 13.16 12.65
CA LEU B 280 44.10 11.98 12.20
C LEU B 280 42.63 12.25 11.92
N TYR B 281 42.26 12.04 10.66
CA TYR B 281 40.90 12.27 10.21
C TYR B 281 40.08 10.98 10.06
N ALA B 282 38.90 10.95 10.67
CA ALA B 282 37.96 9.85 10.56
C ALA B 282 37.09 10.17 9.35
N PRO B 283 37.24 9.46 8.26
CA PRO B 283 36.43 9.78 7.04
C PRO B 283 34.94 9.92 7.30
N ASP B 284 34.42 11.08 6.86
CA ASP B 284 33.03 11.42 7.03
C ASP B 284 32.03 10.32 6.66
N PHE B 285 32.20 9.72 5.48
CA PHE B 285 31.30 8.70 5.02
C PHE B 285 31.29 7.41 5.84
N VAL B 286 32.33 7.22 6.68
CA VAL B 286 32.34 6.02 7.54
C VAL B 286 31.76 6.54 8.86
N ALA B 287 32.29 7.65 9.34
CA ALA B 287 31.88 8.21 10.65
C ALA B 287 30.42 8.53 10.89
N ASN B 288 29.79 9.15 9.88
CA ASN B 288 28.44 9.63 10.03
C ASN B 288 27.36 8.68 9.55
N ALA B 289 27.75 7.43 9.29
CA ALA B 289 26.84 6.41 8.75
C ALA B 289 25.72 5.94 9.66
N GLY B 290 25.74 6.32 10.93
CA GLY B 290 24.69 5.84 11.82
C GLY B 290 23.27 6.13 11.31
N GLY B 291 23.05 7.30 10.64
CA GLY B 291 21.71 7.59 10.18
C GLY B 291 21.29 6.62 9.10
N ALA B 292 22.21 6.28 8.20
CA ALA B 292 21.90 5.32 7.15
C ALA B 292 21.61 3.94 7.74
N ILE B 293 22.44 3.62 8.74
CA ILE B 293 22.28 2.34 9.42
C ILE B 293 20.89 2.27 10.03
N HIS B 294 20.50 3.34 10.66
CA HIS B 294 19.19 3.37 11.26
C HIS B 294 18.02 3.23 10.23
N LEU B 295 18.07 4.07 9.16
CA LEU B 295 17.00 3.99 8.22
C LEU B 295 16.99 2.74 7.40
N VAL B 296 18.13 2.36 6.82
CA VAL B 296 18.11 1.13 6.02
C VAL B 296 17.90 -0.11 6.91
N GLY B 297 18.61 -0.13 8.03
CA GLY B 297 18.50 -1.24 8.93
C GLY B 297 17.07 -1.43 9.41
N ARG B 298 16.43 -0.36 9.89
CA ARG B 298 15.10 -0.52 10.34
C ARG B 298 14.10 -0.77 9.26
N GLU B 299 14.19 0.06 8.23
CA GLU B 299 13.18 0.03 7.21
C GLU B 299 13.27 -0.98 6.11
N VAL B 300 14.49 -1.33 5.79
CA VAL B 300 14.63 -2.31 4.74
C VAL B 300 14.93 -3.70 5.34
N LEU B 301 15.75 -3.77 6.41
CA LEU B 301 16.15 -5.10 6.98
C LEU B 301 15.34 -5.52 8.19
N GLY B 302 14.47 -4.68 8.72
CA GLY B 302 13.67 -5.05 9.87
C GLY B 302 14.41 -5.10 11.19
N TRP B 303 15.57 -4.49 11.27
CA TRP B 303 16.29 -4.50 12.53
C TRP B 303 15.63 -3.68 13.66
N SER B 304 15.81 -4.05 14.95
CA SER B 304 15.21 -3.23 15.97
C SER B 304 16.15 -2.08 16.30
N GLU B 305 15.66 -1.21 17.17
CA GLU B 305 16.45 -0.09 17.59
C GLU B 305 17.71 -0.54 18.28
N SER B 306 17.65 -1.62 19.07
CA SER B 306 18.88 -2.05 19.73
C SER B 306 19.93 -2.59 18.76
N VAL B 307 19.48 -3.26 17.70
CA VAL B 307 20.44 -3.80 16.78
C VAL B 307 21.06 -2.65 15.98
N VAL B 308 20.20 -1.68 15.65
CA VAL B 308 20.75 -0.53 14.92
C VAL B 308 21.82 0.19 15.77
N HIS B 309 21.55 0.35 17.07
CA HIS B 309 22.52 1.01 17.94
C HIS B 309 23.84 0.28 17.96
N GLU B 310 23.77 -1.04 18.01
CA GLU B 310 24.96 -1.84 18.01
C GLU B 310 25.80 -1.71 16.72
N ARG B 311 25.08 -1.63 15.60
CA ARG B 311 25.72 -1.52 14.31
C ARG B 311 26.34 -0.15 14.22
N ALA B 312 25.69 0.85 14.79
CA ALA B 312 26.29 2.16 14.75
C ALA B 312 27.55 2.16 15.59
N VAL B 313 27.51 1.44 16.73
CA VAL B 313 28.70 1.38 17.56
C VAL B 313 29.83 0.74 16.77
N ALA B 314 29.54 -0.24 15.93
CA ALA B 314 30.54 -0.91 15.12
C ALA B 314 31.27 -0.04 14.10
N ILE B 315 30.83 1.21 13.94
CA ILE B 315 31.54 2.11 13.06
C ILE B 315 32.96 2.30 13.60
N GLY B 316 33.16 2.16 14.93
CA GLY B 316 34.52 2.28 15.50
C GLY B 316 35.40 1.16 14.97
N ASP B 317 34.85 -0.03 14.88
CA ASP B 317 35.63 -1.14 14.34
C ASP B 317 35.90 -0.90 12.85
N THR B 318 34.90 -0.40 12.13
CA THR B 318 35.15 -0.13 10.69
C THR B 318 36.32 0.89 10.55
N LEU B 319 36.35 1.92 11.37
CA LEU B 319 37.42 2.88 11.30
C LEU B 319 38.73 2.25 11.71
N ASN B 320 38.72 1.31 12.69
CA ASN B 320 40.03 0.69 13.02
C ASN B 320 40.56 -0.01 11.78
N GLN B 321 39.63 -0.62 10.97
CA GLN B 321 40.07 -1.29 9.72
C GLN B 321 40.66 -0.28 8.71
N VAL B 322 40.01 0.90 8.67
CA VAL B 322 40.43 1.94 7.77
C VAL B 322 41.79 2.38 8.20
N PHE B 323 41.98 2.61 9.49
CA PHE B 323 43.32 3.06 9.91
C PHE B 323 44.46 2.06 9.67
N GLU B 324 44.09 0.78 9.82
CA GLU B 324 45.06 -0.29 9.58
C GLU B 324 45.55 -0.23 8.14
N ILE B 325 44.63 -0.08 7.15
CA ILE B 325 44.95 0.02 5.73
C ILE B 325 45.76 1.28 5.53
N SER B 326 45.36 2.39 6.19
CA SER B 326 46.09 3.66 6.03
C SER B 326 47.56 3.53 6.45
N ASP B 327 47.77 2.89 7.61
CA ASP B 327 49.11 2.68 8.16
C ASP B 327 49.90 1.66 7.32
N ASN B 328 49.27 0.56 6.98
CA ASN B 328 49.98 -0.46 6.23
C ASN B 328 50.34 -0.05 4.81
N ASP B 329 49.42 0.59 4.08
CA ASP B 329 49.61 1.01 2.69
C ASP B 329 50.22 2.41 2.54
N GLY B 330 50.29 3.20 3.59
CA GLY B 330 50.87 4.49 3.40
C GLY B 330 49.97 5.36 2.53
N VAL B 331 48.70 5.45 2.88
CA VAL B 331 47.72 6.27 2.15
C VAL B 331 46.91 7.02 3.19
N THR B 332 46.18 8.07 2.79
CA THR B 332 45.38 8.84 3.74
C THR B 332 44.19 8.02 4.23
N PRO B 333 43.60 8.42 5.35
CA PRO B 333 42.41 7.73 5.84
C PRO B 333 41.31 7.73 4.77
N ASP B 334 41.09 8.83 4.03
CA ASP B 334 40.03 8.80 2.99
C ASP B 334 40.29 7.74 1.91
N GLU B 335 41.55 7.65 1.44
CA GLU B 335 41.87 6.65 0.44
C GLU B 335 41.66 5.26 1.00
N ALA B 336 42.11 5.07 2.24
CA ALA B 336 41.93 3.79 2.90
C ALA B 336 40.46 3.41 3.05
N ALA B 337 39.61 4.38 3.44
CA ALA B 337 38.17 4.11 3.59
C ALA B 337 37.53 3.73 2.22
N ARG B 338 38.02 4.38 1.14
CA ARG B 338 37.55 4.05 -0.21
C ARG B 338 37.99 2.61 -0.56
N THR B 339 39.21 2.26 -0.18
CA THR B 339 39.68 0.91 -0.43
C THR B 339 38.83 -0.13 0.33
N LEU B 340 38.59 0.15 1.63
CA LEU B 340 37.76 -0.77 2.45
C LEU B 340 36.33 -0.87 1.89
N ALA B 341 35.76 0.30 1.45
CA ALA B 341 34.42 0.25 0.88
C ALA B 341 34.37 -0.70 -0.35
N GLY B 342 35.41 -0.62 -1.23
CA GLY B 342 35.44 -1.44 -2.43
C GLY B 342 35.64 -2.90 -2.07
N ARG B 343 36.44 -3.16 -1.03
CA ARG B 343 36.62 -4.54 -0.61
C ARG B 343 35.31 -5.12 -0.08
N ARG B 344 34.64 -4.37 0.77
CA ARG B 344 33.41 -4.84 1.34
C ARG B 344 32.33 -5.01 0.29
N ALA B 345 32.39 -4.17 -0.77
CA ALA B 345 31.39 -4.24 -1.87
C ALA B 345 31.75 -5.30 -2.88
N ARG B 346 32.85 -6.01 -2.60
CA ARG B 346 33.32 -7.09 -3.48
C ARG B 346 33.59 -6.62 -4.90
N GLU B 347 34.30 -5.49 -4.94
CA GLU B 347 34.78 -4.79 -6.12
C GLU B 347 34.05 -3.54 -6.37
N ALA B 348 34.72 -2.44 -6.05
CA ALA B 348 34.22 -1.07 -6.17
C ALA B 348 32.76 -0.86 -6.57
#